data_5NGE
#
_entry.id   5NGE
#
_cell.length_a   71.280
_cell.length_b   70.300
_cell.length_c   78.560
_cell.angle_alpha   90.00
_cell.angle_beta   97.17
_cell.angle_gamma   90.00
#
_symmetry.space_group_name_H-M   'P 1 21 1'
#
loop_
_entity.id
_entity.type
_entity.pdbx_description
1 polymer 'Ubiquitin carboxyl-terminal hydrolase 7'
2 non-polymer 5-[[1-[(3~{S})-4,4-bis(fluoranyl)-3-(3-fluoranylpyrazol-1-yl)butanoyl]-4-oxidanyl-piperidin-4-yl]methyl]-1-(4-fluorophenyl)pyrazolo[3,4-d]pyrimidin-4-one
3 water water
#
_entity_poly.entity_id   1
_entity_poly.type   'polypeptide(L)'
_entity_poly.pdbx_seq_one_letter_code
;GSKKHTGYVGLKNQGATCYMNSLLQTLFFTNQLRKAVYMMPTEGDDSSKSVPLALQRVFYELQHSDKPVGTKKLTKSFGW
ETLDSFMQHDVQELCRVLLDNVENKMKGTCVEGTIPKLFRGKMVSYIQCKEVDYRSDRREDYYDIQLSIKGKKNIFESFV
DYVAVEQLDGDNKYDAGEHGLQEAEKGVKFLTLPPVLHLQLMRFMYDPQTDQNIKINDRFEFPEQLPLDEFLQKTDPKDP
ANYILHAVLVHSGDNHGGHYVVYLNPKGDGKWCKFDDDVVSRCTKEEAIEHNYGGHDDDLSVRHCTNAYMLVYIRESKLS
EVLQAVTDHDIPQQLVERLQEEKRIEAQKRKERQE
;
_entity_poly.pdbx_strand_id   A,B
#
loop_
_chem_comp.id
_chem_comp.type
_chem_comp.name
_chem_comp.formula
8WK non-polymer 5-[[1-[(3~{S})-4,4-bis(fluoranyl)-3-(3-fluoranylpyrazol-1-yl)butanoyl]-4-oxidanyl-piperidin-4-yl]methyl]-1-(4-fluorophenyl)pyrazolo[3,4-d]pyrimidin-4-one 'C24 H23 F4 N7 O3'
#
# COMPACT_ATOMS: atom_id res chain seq x y z
N GLY A 7 -2.46 14.34 19.28
CA GLY A 7 -3.23 14.09 18.04
C GLY A 7 -4.38 13.10 18.20
N TYR A 8 -4.25 12.18 19.15
CA TYR A 8 -5.15 11.05 19.21
C TYR A 8 -6.08 11.14 20.41
N VAL A 9 -7.20 10.44 20.34
CA VAL A 9 -8.24 10.54 21.37
C VAL A 9 -8.46 9.16 22.00
N GLY A 10 -8.89 9.15 23.25
CA GLY A 10 -9.11 7.92 24.01
C GLY A 10 -10.51 7.34 23.89
N LEU A 11 -10.67 6.15 24.45
CA LEU A 11 -11.98 5.51 24.59
C LEU A 11 -12.46 5.60 26.03
N LYS A 12 -13.75 5.85 26.22
CA LYS A 12 -14.31 6.03 27.58
C LYS A 12 -14.10 4.80 28.43
N ASN A 13 -13.88 5.01 29.72
CA ASN A 13 -13.53 3.92 30.62
C ASN A 13 -14.71 3.03 30.89
N GLN A 14 -14.50 1.73 30.75
CA GLN A 14 -15.58 0.75 30.92
C GLN A 14 -15.00 -0.53 31.51
N GLY A 15 -14.76 -0.46 32.82
CA GLY A 15 -13.98 -1.44 33.54
C GLY A 15 -14.33 -2.90 33.21
N ALA A 16 -15.63 -3.15 33.07
CA ALA A 16 -16.06 -4.52 32.80
C ALA A 16 -15.63 -5.05 31.44
N THR A 17 -15.21 -4.18 30.52
CA THR A 17 -14.85 -4.65 29.20
C THR A 17 -13.37 -5.04 29.06
N CYS A 18 -12.64 -5.04 30.17
CA CYS A 18 -11.25 -5.52 30.22
C CYS A 18 -10.39 -5.06 29.05
N TYR A 19 -10.01 -5.96 28.16
CA TYR A 19 -9.03 -5.71 27.04
C TYR A 19 -9.65 -5.04 25.79
N MET A 20 -10.95 -4.70 25.85
CA MET A 20 -11.64 -4.29 24.63
C MET A 20 -11.08 -2.99 24.10
N ASN A 21 -10.93 -2.01 24.97
CA ASN A 21 -10.50 -0.69 24.54
C ASN A 21 -9.11 -0.74 23.91
N SER A 22 -8.22 -1.52 24.51
CA SER A 22 -6.86 -1.64 24.02
C SER A 22 -6.86 -2.22 22.59
N LEU A 23 -7.74 -3.18 22.34
CA LEU A 23 -7.84 -3.83 21.05
C LEU A 23 -8.47 -2.92 19.99
N LEU A 24 -9.48 -2.17 20.36
CA LEU A 24 -10.06 -1.20 19.48
C LEU A 24 -9.03 -0.20 18.96
N GLN A 25 -8.14 0.26 19.81
CA GLN A 25 -7.12 1.20 19.33
C GLN A 25 -6.17 0.54 18.40
N THR A 26 -5.79 -0.69 18.73
CA THR A 26 -4.89 -1.49 17.91
C THR A 26 -5.47 -1.60 16.49
N LEU A 27 -6.77 -1.91 16.41
CA LEU A 27 -7.41 -2.07 15.13
C LEU A 27 -7.56 -0.70 14.42
N PHE A 28 -7.90 0.33 15.18
CA PHE A 28 -8.08 1.66 14.59
C PHE A 28 -6.83 2.13 13.85
N PHE A 29 -5.68 1.78 14.40
CA PHE A 29 -4.40 2.23 13.85
C PHE A 29 -3.78 1.27 12.81
N THR A 30 -4.46 0.17 12.54
CA THR A 30 -4.23 -0.60 11.32
C THR A 30 -4.96 0.08 10.19
N ASN A 31 -4.37 1.19 9.74
CA ASN A 31 -5.06 2.09 8.85
C ASN A 31 -5.68 1.43 7.62
N GLN A 32 -4.98 0.50 7.02
CA GLN A 32 -5.55 -0.17 5.83
C GLN A 32 -6.86 -0.91 6.19
N LEU A 33 -6.93 -1.58 7.36
CA LEU A 33 -8.23 -2.10 7.87
C LEU A 33 -9.27 -1.02 8.03
N ARG A 34 -8.86 0.08 8.64
CA ARG A 34 -9.75 1.17 8.95
C ARG A 34 -10.44 1.74 7.69
N LYS A 35 -9.64 2.02 6.67
CA LYS A 35 -10.16 2.46 5.40
C LYS A 35 -11.12 1.46 4.82
N ALA A 36 -10.75 0.17 4.89
CA ALA A 36 -11.70 -0.84 4.38
C ALA A 36 -13.01 -0.82 5.19
N VAL A 37 -12.90 -0.63 6.50
CA VAL A 37 -14.09 -0.58 7.34
C VAL A 37 -15.11 0.54 6.95
N TYR A 38 -14.58 1.74 6.77
CA TYR A 38 -15.33 2.88 6.26
C TYR A 38 -16.06 2.63 4.93
N MET A 39 -15.57 1.70 4.13
CA MET A 39 -16.23 1.40 2.85
C MET A 39 -17.35 0.36 2.89
N MET A 40 -17.67 -0.21 4.04
CA MET A 40 -18.66 -1.28 4.05
C MET A 40 -20.03 -0.66 3.74
N PRO A 41 -20.86 -1.31 2.90
CA PRO A 41 -22.20 -0.78 2.60
C PRO A 41 -23.21 -0.98 3.75
N THR A 42 -23.14 -0.09 4.74
CA THR A 42 -23.93 -0.20 5.93
C THR A 42 -25.23 0.60 5.90
N GLU A 43 -25.36 1.50 4.91
CA GLU A 43 -26.51 2.38 4.78
C GLU A 43 -27.87 1.76 5.14
N GLY A 44 -28.03 0.46 4.85
CA GLY A 44 -29.29 -0.25 5.15
C GLY A 44 -29.32 -0.97 6.50
N ASP A 45 -28.19 -0.99 7.20
CA ASP A 45 -28.11 -1.71 8.45
C ASP A 45 -28.96 -1.10 9.54
N ASP A 46 -29.34 -1.96 10.47
CA ASP A 46 -30.07 -1.55 11.66
C ASP A 46 -29.09 -0.84 12.63
N SER A 47 -29.40 0.42 12.90
CA SER A 47 -28.68 1.30 13.82
C SER A 47 -28.12 0.67 15.10
N SER A 48 -28.79 -0.37 15.62
CA SER A 48 -28.45 -0.94 16.93
C SER A 48 -28.04 -2.42 16.91
N LYS A 49 -28.33 -3.14 15.84
CA LYS A 49 -27.90 -4.54 15.72
C LYS A 49 -26.65 -4.77 14.88
N SER A 50 -26.17 -3.74 14.18
CA SER A 50 -25.09 -3.92 13.24
C SER A 50 -23.72 -3.64 13.87
N VAL A 51 -22.93 -4.69 13.97
CA VAL A 51 -21.58 -4.63 14.45
C VAL A 51 -20.69 -3.90 13.46
N PRO A 52 -20.90 -4.13 12.14
CA PRO A 52 -20.15 -3.33 11.14
C PRO A 52 -20.43 -1.85 11.25
N LEU A 53 -21.70 -1.45 11.36
CA LEU A 53 -21.99 -0.05 11.58
C LEU A 53 -21.36 0.43 12.87
N ALA A 54 -21.47 -0.34 13.93
CA ALA A 54 -20.95 0.13 15.25
C ALA A 54 -19.44 0.31 15.24
N LEU A 55 -18.72 -0.52 14.47
CA LEU A 55 -17.26 -0.31 14.32
C LEU A 55 -16.94 0.92 13.47
N GLN A 56 -17.73 1.17 12.42
CA GLN A 56 -17.47 2.35 11.64
C GLN A 56 -17.62 3.57 12.59
N ARG A 57 -18.69 3.57 13.38
CA ARG A 57 -18.98 4.67 14.31
C ARG A 57 -17.83 4.90 15.29
N VAL A 58 -17.33 3.85 15.94
CA VAL A 58 -16.20 3.99 16.85
C VAL A 58 -14.98 4.58 16.12
N PHE A 59 -14.61 4.00 14.97
CA PHE A 59 -13.49 4.49 14.14
C PHE A 59 -13.64 5.95 13.71
N TYR A 60 -14.78 6.31 13.13
CA TYR A 60 -15.07 7.71 12.80
C TYR A 60 -14.84 8.67 13.98
N GLU A 61 -15.37 8.31 15.13
CA GLU A 61 -15.27 9.15 16.30
C GLU A 61 -13.87 9.22 16.85
N LEU A 62 -13.18 8.09 16.96
CA LEU A 62 -11.74 8.15 17.26
C LEU A 62 -10.98 9.01 16.28
N GLN A 63 -11.42 9.06 15.02
CA GLN A 63 -10.72 9.87 14.04
C GLN A 63 -11.09 11.34 14.07
N HIS A 64 -12.31 11.70 14.51
CA HIS A 64 -12.74 13.12 14.50
C HIS A 64 -13.04 13.79 15.87
N SER A 65 -13.27 13.00 16.92
CA SER A 65 -13.73 13.58 18.18
C SER A 65 -12.57 14.15 18.95
N ASP A 66 -12.85 15.25 19.64
CA ASP A 66 -11.91 15.87 20.56
C ASP A 66 -12.13 15.28 21.94
N LYS A 67 -13.30 14.65 22.15
CA LYS A 67 -13.68 14.09 23.44
C LYS A 67 -13.59 12.58 23.39
N PRO A 68 -13.43 11.93 24.54
CA PRO A 68 -13.33 10.48 24.62
C PRO A 68 -14.53 9.72 24.06
N VAL A 69 -14.29 8.62 23.35
CA VAL A 69 -15.31 7.99 22.53
C VAL A 69 -15.98 6.80 23.25
N GLY A 70 -17.27 6.65 23.05
CA GLY A 70 -18.08 5.61 23.74
C GLY A 70 -18.21 4.34 22.91
N THR A 71 -18.45 3.23 23.61
CA THR A 71 -18.44 1.91 23.04
C THR A 71 -19.70 1.05 23.35
N LYS A 72 -20.70 1.64 23.99
CA LYS A 72 -21.89 0.89 24.41
C LYS A 72 -22.72 0.38 23.23
N LYS A 73 -22.89 1.20 22.21
CA LYS A 73 -23.58 0.73 21.00
C LYS A 73 -22.83 -0.44 20.37
N LEU A 74 -21.49 -0.43 20.45
CA LEU A 74 -20.70 -1.55 19.93
C LEU A 74 -20.91 -2.85 20.70
N THR A 75 -20.79 -2.79 22.02
CA THR A 75 -20.97 -3.97 22.90
C THR A 75 -22.39 -4.52 22.79
N LYS A 76 -23.38 -3.67 22.70
CA LYS A 76 -24.74 -4.15 22.42
C LYS A 76 -24.75 -4.93 21.10
N SER A 77 -24.10 -4.39 20.08
CA SER A 77 -24.22 -4.97 18.77
C SER A 77 -23.68 -6.40 18.77
N PHE A 78 -22.59 -6.66 19.46
CA PHE A 78 -22.08 -8.03 19.43
C PHE A 78 -22.47 -8.87 20.62
N GLY A 79 -23.33 -8.33 21.48
CA GLY A 79 -24.01 -9.11 22.51
C GLY A 79 -23.22 -9.55 23.74
N TRP A 80 -22.14 -8.82 24.05
CA TRP A 80 -21.31 -9.09 25.27
C TRP A 80 -21.64 -7.96 26.19
N GLU A 81 -22.79 -8.08 26.86
CA GLU A 81 -23.32 -7.08 27.76
C GLU A 81 -23.32 -7.48 29.24
N THR A 82 -22.75 -8.63 29.57
CA THR A 82 -22.62 -9.01 30.96
C THR A 82 -21.19 -8.89 31.53
N LEU A 83 -21.11 -8.89 32.87
CA LEU A 83 -19.87 -8.79 33.63
C LEU A 83 -18.91 -9.86 33.19
N ASP A 84 -19.38 -11.09 33.04
CA ASP A 84 -18.47 -12.16 32.68
C ASP A 84 -18.51 -12.57 31.22
N SER A 85 -19.10 -11.74 30.33
CA SER A 85 -18.88 -11.92 28.88
C SER A 85 -17.42 -11.80 28.55
N PHE A 86 -16.78 -10.77 29.07
CA PHE A 86 -15.37 -10.56 28.83
C PHE A 86 -14.48 -11.51 29.62
N MET A 87 -14.93 -11.94 30.80
CA MET A 87 -14.19 -12.93 31.57
C MET A 87 -14.23 -14.34 30.97
N GLN A 88 -15.25 -14.69 30.20
CA GLN A 88 -15.30 -16.02 29.63
C GLN A 88 -14.60 -16.10 28.28
N HIS A 89 -13.94 -15.03 27.83
CA HIS A 89 -13.23 -15.05 26.55
C HIS A 89 -11.80 -14.49 26.55
N ASP A 90 -10.98 -15.04 25.67
CA ASP A 90 -9.64 -14.54 25.39
C ASP A 90 -9.68 -13.34 24.45
N VAL A 91 -8.65 -12.52 24.48
CA VAL A 91 -8.59 -11.32 23.65
C VAL A 91 -8.76 -11.65 22.17
N GLN A 92 -8.09 -12.70 21.71
CA GLN A 92 -8.15 -13.03 20.30
C GLN A 92 -9.55 -13.44 19.89
N GLU A 93 -10.40 -13.80 20.86
CA GLU A 93 -11.76 -14.25 20.57
C GLU A 93 -12.63 -13.03 20.31
N LEU A 94 -12.32 -11.94 20.98
CA LEU A 94 -12.94 -10.71 20.65
C LEU A 94 -12.56 -10.29 19.22
N CYS A 95 -11.28 -10.32 18.94
CA CYS A 95 -10.77 -9.94 17.63
C CYS A 95 -11.48 -10.73 16.52
N ARG A 96 -11.54 -12.05 16.66
CA ARG A 96 -12.32 -12.89 15.74
C ARG A 96 -13.78 -12.48 15.58
N VAL A 97 -14.48 -12.20 16.68
CA VAL A 97 -15.84 -11.72 16.58
C VAL A 97 -15.95 -10.43 15.76
N LEU A 98 -15.06 -9.48 16.00
CA LEU A 98 -15.05 -8.22 15.26
C LEU A 98 -14.65 -8.41 13.81
N LEU A 99 -13.51 -9.03 13.57
CA LEU A 99 -12.97 -9.12 12.23
C LEU A 99 -13.84 -9.99 11.34
N ASP A 100 -14.52 -11.00 11.91
CA ASP A 100 -15.40 -11.86 11.12
C ASP A 100 -16.61 -11.13 10.65
N ASN A 101 -17.25 -10.38 11.53
CA ASN A 101 -18.41 -9.61 11.12
C ASN A 101 -18.03 -8.68 9.96
N VAL A 102 -16.87 -8.10 10.09
CA VAL A 102 -16.39 -7.14 9.14
C VAL A 102 -15.97 -7.81 7.82
N GLU A 103 -15.26 -8.93 7.84
CA GLU A 103 -14.96 -9.67 6.61
CA GLU A 103 -14.96 -9.61 6.59
C GLU A 103 -16.28 -10.03 5.91
N ASN A 104 -17.24 -10.53 6.67
CA ASN A 104 -18.49 -10.94 6.03
C ASN A 104 -19.24 -9.81 5.38
N LYS A 105 -19.25 -8.65 6.02
CA LYS A 105 -19.91 -7.50 5.42
C LYS A 105 -19.19 -6.98 4.15
N MET A 106 -17.88 -7.17 4.08
CA MET A 106 -17.07 -6.80 2.91
C MET A 106 -17.19 -7.80 1.77
N LYS A 107 -17.90 -8.89 2.01
CA LYS A 107 -18.05 -9.89 0.97
C LYS A 107 -18.95 -9.36 -0.17
N GLY A 108 -18.55 -9.60 -1.41
CA GLY A 108 -19.25 -9.04 -2.57
C GLY A 108 -18.89 -7.59 -2.87
N THR A 109 -18.00 -6.97 -2.10
CA THR A 109 -17.59 -5.58 -2.36
C THR A 109 -16.14 -5.44 -2.83
N CYS A 110 -15.77 -4.22 -3.15
CA CYS A 110 -14.43 -3.94 -3.69
C CYS A 110 -13.36 -4.14 -2.63
N VAL A 111 -13.74 -4.31 -1.38
CA VAL A 111 -12.79 -4.55 -0.31
C VAL A 111 -12.87 -5.96 0.25
N GLU A 112 -13.61 -6.80 -0.45
CA GLU A 112 -13.60 -8.19 -0.15
C GLU A 112 -12.17 -8.64 -0.09
N GLY A 113 -11.89 -9.41 0.96
CA GLY A 113 -10.63 -10.12 1.18
C GLY A 113 -9.60 -9.34 1.98
N THR A 114 -9.99 -8.18 2.49
CA THR A 114 -9.09 -7.33 3.21
C THR A 114 -8.62 -7.95 4.52
N ILE A 115 -9.50 -8.59 5.29
CA ILE A 115 -9.09 -9.18 6.58
C ILE A 115 -8.11 -10.34 6.38
N PRO A 116 -8.43 -11.28 5.50
CA PRO A 116 -7.40 -12.29 5.20
C PRO A 116 -6.08 -11.72 4.72
N LYS A 117 -6.12 -10.80 3.78
CA LYS A 117 -4.90 -10.17 3.25
C LYS A 117 -4.04 -9.56 4.37
N LEU A 118 -4.66 -8.87 5.32
CA LEU A 118 -3.84 -8.28 6.40
C LEU A 118 -3.34 -9.29 7.44
N PHE A 119 -4.17 -10.24 7.85
CA PHE A 119 -4.00 -10.90 9.15
C PHE A 119 -3.82 -12.41 9.06
N ARG A 120 -4.02 -12.99 7.89
CA ARG A 120 -3.99 -14.44 7.74
C ARG A 120 -2.69 -15.03 7.20
N GLY A 121 -2.16 -16.02 7.90
CA GLY A 121 -0.97 -16.74 7.49
C GLY A 121 -1.31 -18.19 7.32
N LYS A 122 -0.37 -18.95 6.79
CA LYS A 122 -0.52 -20.40 6.56
C LYS A 122 0.60 -21.11 7.29
N MET A 123 0.28 -22.23 7.92
CA MET A 123 1.29 -23.08 8.47
C MET A 123 1.03 -24.55 8.08
N VAL A 124 2.09 -25.36 8.15
CA VAL A 124 1.98 -26.80 7.95
C VAL A 124 2.16 -27.50 9.28
N SER A 125 1.23 -28.40 9.57
CA SER A 125 1.34 -29.32 10.69
C SER A 125 1.63 -30.73 10.14
N TYR A 126 2.64 -31.41 10.66
CA TYR A 126 3.05 -32.67 10.04
C TYR A 126 3.42 -33.78 11.00
N ILE A 127 3.17 -35.00 10.57
CA ILE A 127 3.60 -36.17 11.29
C ILE A 127 4.51 -36.88 10.33
N GLN A 128 5.68 -37.25 10.83
CA GLN A 128 6.69 -38.04 10.08
C GLN A 128 7.04 -39.29 10.89
N CYS A 129 6.86 -40.48 10.30
CA CYS A 129 7.17 -41.69 11.01
C CYS A 129 8.65 -41.88 10.88
N LYS A 130 9.27 -42.59 11.82
CA LYS A 130 10.72 -42.58 11.89
C LYS A 130 11.22 -43.71 11.02
N GLU A 131 10.70 -44.91 11.24
CA GLU A 131 11.24 -46.12 10.64
C GLU A 131 10.46 -46.67 9.43
N VAL A 132 9.55 -45.87 8.85
CA VAL A 132 8.81 -46.27 7.62
C VAL A 132 8.60 -45.02 6.76
N ASP A 133 8.51 -45.14 5.44
CA ASP A 133 8.18 -43.97 4.62
C ASP A 133 6.64 -43.76 4.68
N TYR A 134 6.23 -42.83 5.53
CA TYR A 134 4.88 -42.30 5.51
C TYR A 134 4.92 -41.03 6.26
N ARG A 135 4.47 -39.96 5.60
CA ARG A 135 4.43 -38.62 6.11
C ARG A 135 3.02 -38.03 5.87
N SER A 136 2.50 -37.28 6.82
CA SER A 136 1.27 -36.54 6.59
C SER A 136 1.50 -35.04 6.74
N ASP A 137 1.11 -34.25 5.74
CA ASP A 137 1.20 -32.80 5.79
C ASP A 137 -0.21 -32.22 5.79
N ARG A 138 -0.48 -31.23 6.64
CA ARG A 138 -1.73 -30.51 6.56
C ARG A 138 -1.55 -29.00 6.73
N ARG A 139 -2.14 -28.26 5.80
CA ARG A 139 -2.06 -26.81 5.82
C ARG A 139 -3.21 -26.27 6.65
N GLU A 140 -2.89 -25.39 7.61
CA GLU A 140 -3.91 -24.62 8.35
C GLU A 140 -3.64 -23.14 8.14
N ASP A 141 -4.71 -22.36 8.06
CA ASP A 141 -4.64 -20.90 8.13
C ASP A 141 -4.73 -20.47 9.60
N TYR A 142 -4.13 -19.33 9.90
CA TYR A 142 -4.25 -18.73 11.21
C TYR A 142 -4.34 -17.20 11.04
N TYR A 143 -5.01 -16.58 12.00
CA TYR A 143 -5.09 -15.15 12.09
C TYR A 143 -4.33 -14.58 13.28
N ASP A 144 -3.82 -15.46 14.12
CA ASP A 144 -3.11 -15.02 15.32
C ASP A 144 -2.30 -16.22 15.81
N ILE A 145 -1.34 -15.96 16.69
CA ILE A 145 -0.51 -16.98 17.21
C ILE A 145 -0.42 -16.86 18.74
N GLN A 146 -0.65 -17.99 19.42
CA GLN A 146 -0.56 -18.05 20.86
C GLN A 146 0.82 -18.58 21.18
N LEU A 147 1.63 -17.77 21.85
CA LEU A 147 3.00 -18.14 22.18
C LEU A 147 3.15 -18.49 23.69
N SER A 148 3.93 -19.52 23.96
CA SER A 148 4.21 -19.90 25.34
C SER A 148 5.34 -19.04 25.90
N ILE A 149 5.20 -18.61 27.14
CA ILE A 149 6.23 -17.82 27.80
C ILE A 149 6.85 -18.43 29.09
N LYS A 150 6.22 -19.49 29.63
CA LYS A 150 6.66 -20.09 30.88
C LYS A 150 7.97 -20.79 30.61
N GLY A 151 9.02 -20.35 31.31
CA GLY A 151 10.36 -20.88 31.10
C GLY A 151 11.05 -20.42 29.82
N LYS A 152 10.47 -19.46 29.08
CA LYS A 152 11.11 -18.95 27.89
C LYS A 152 11.62 -17.53 28.17
N LYS A 153 12.84 -17.20 27.78
CA LYS A 153 13.37 -15.83 27.99
C LYS A 153 12.74 -14.79 27.05
N ASN A 154 12.46 -15.18 25.80
CA ASN A 154 12.12 -14.16 24.79
C ASN A 154 11.30 -14.72 23.66
N ILE A 155 10.87 -13.83 22.78
CA ILE A 155 10.04 -14.16 21.64
C ILE A 155 10.74 -15.18 20.79
N PHE A 156 12.02 -14.94 20.50
CA PHE A 156 12.85 -15.95 19.83
C PHE A 156 12.68 -17.37 20.43
N GLU A 157 12.74 -17.48 21.74
CA GLU A 157 12.64 -18.81 22.37
C GLU A 157 11.26 -19.38 22.29
N SER A 158 10.24 -18.54 22.33
CA SER A 158 8.89 -19.01 22.17
C SER A 158 8.74 -19.60 20.80
N PHE A 159 9.28 -18.94 19.80
CA PHE A 159 9.16 -19.41 18.42
C PHE A 159 9.86 -20.70 18.24
N VAL A 160 11.07 -20.80 18.79
CA VAL A 160 11.80 -22.06 18.74
C VAL A 160 10.95 -23.18 19.39
N ASP A 161 10.29 -22.90 20.52
CA ASP A 161 9.42 -23.89 21.10
C ASP A 161 8.17 -24.20 20.28
N TYR A 162 7.63 -23.22 19.58
CA TYR A 162 6.44 -23.43 18.79
C TYR A 162 6.69 -24.47 17.69
N VAL A 163 7.83 -24.36 17.00
CA VAL A 163 8.18 -25.24 15.86
C VAL A 163 9.04 -26.43 16.32
N ALA A 164 9.32 -26.52 17.61
CA ALA A 164 10.10 -27.66 18.12
C ALA A 164 9.34 -28.96 17.90
N VAL A 165 10.10 -29.99 17.50
CA VAL A 165 9.62 -31.33 17.24
C VAL A 165 9.28 -32.07 18.53
N GLU A 166 8.11 -32.72 18.53
CA GLU A 166 7.52 -33.43 19.68
C GLU A 166 7.47 -34.89 19.32
N GLN A 167 8.16 -35.76 20.07
CA GLN A 167 8.22 -37.22 19.78
C GLN A 167 6.92 -37.92 20.13
N LEU A 168 6.58 -38.97 19.39
CA LEU A 168 5.39 -39.78 19.71
C LEU A 168 5.77 -41.28 19.67
N ASP A 169 5.73 -41.92 20.84
CA ASP A 169 6.12 -43.33 21.00
C ASP A 169 5.49 -43.86 22.28
N GLY A 170 5.85 -45.08 22.69
CA GLY A 170 5.25 -45.70 23.86
C GLY A 170 3.75 -45.43 23.96
N ASP A 171 3.32 -44.83 25.06
CA ASP A 171 1.91 -44.51 25.25
C ASP A 171 1.43 -43.63 24.13
N ASN A 172 2.21 -42.60 23.82
CA ASN A 172 1.82 -41.56 22.89
C ASN A 172 1.98 -41.86 21.38
N LYS A 173 2.22 -43.13 21.01
CA LYS A 173 2.45 -43.52 19.61
C LYS A 173 1.42 -42.99 18.60
N TYR A 174 1.86 -42.84 17.34
CA TYR A 174 0.98 -42.44 16.24
C TYR A 174 0.60 -43.66 15.40
N ASP A 175 -0.57 -43.56 14.81
CA ASP A 175 -1.25 -44.60 14.12
C ASP A 175 -1.12 -44.30 12.62
N ALA A 176 -0.43 -45.18 11.89
CA ALA A 176 -0.16 -44.91 10.48
C ALA A 176 -0.93 -45.85 9.58
N GLY A 177 -2.19 -46.11 9.92
CA GLY A 177 -3.02 -47.06 9.16
C GLY A 177 -2.33 -48.27 8.56
N GLU A 178 -2.22 -48.28 7.23
CA GLU A 178 -1.56 -49.37 6.48
C GLU A 178 -0.31 -49.88 7.19
N HIS A 179 0.50 -48.98 7.72
CA HIS A 179 1.81 -49.35 8.29
C HIS A 179 1.78 -49.98 9.69
N GLY A 180 0.98 -49.48 10.63
CA GLY A 180 0.92 -49.94 12.02
C GLY A 180 0.80 -48.76 12.97
N LEU A 181 0.74 -49.00 14.28
CA LEU A 181 1.05 -47.88 15.23
C LEU A 181 2.57 -47.71 15.15
N GLN A 182 3.09 -46.50 15.21
CA GLN A 182 4.48 -46.27 14.85
C GLN A 182 5.18 -45.25 15.74
N GLU A 183 6.51 -45.36 15.84
CA GLU A 183 7.32 -44.23 16.34
C GLU A 183 7.24 -43.01 15.35
N ALA A 184 7.06 -41.80 15.85
CA ALA A 184 6.88 -40.62 14.95
C ALA A 184 7.34 -39.33 15.51
N GLU A 185 7.41 -38.30 14.66
CA GLU A 185 7.69 -36.92 15.08
C GLU A 185 6.60 -35.95 14.60
N LYS A 186 6.22 -35.02 15.47
CA LYS A 186 5.09 -34.13 15.23
C LYS A 186 5.68 -32.76 15.26
N GLY A 187 5.15 -31.86 14.45
CA GLY A 187 5.63 -30.48 14.45
C GLY A 187 4.86 -29.51 13.58
N VAL A 188 5.26 -28.24 13.64
CA VAL A 188 4.66 -27.20 12.86
C VAL A 188 5.75 -26.34 12.25
N LYS A 189 5.57 -25.92 10.99
CA LYS A 189 6.40 -24.87 10.40
C LYS A 189 5.50 -23.80 9.76
N PHE A 190 6.00 -22.58 9.60
CA PHE A 190 5.21 -21.51 8.97
C PHE A 190 5.49 -21.49 7.50
N LEU A 191 4.46 -21.44 6.67
CA LEU A 191 4.61 -21.24 5.23
C LEU A 191 4.61 -19.79 4.88
N THR A 192 3.72 -19.02 5.53
CA THR A 192 3.71 -17.57 5.39
C THR A 192 3.35 -16.94 6.70
N LEU A 193 3.78 -15.70 6.83
CA LEU A 193 3.54 -14.82 7.93
C LEU A 193 2.87 -13.58 7.32
N PRO A 194 1.73 -13.13 7.89
CA PRO A 194 0.92 -12.09 7.28
C PRO A 194 1.56 -10.71 7.43
N PRO A 195 1.00 -9.72 6.74
CA PRO A 195 1.49 -8.37 6.94
C PRO A 195 1.33 -7.84 8.37
N VAL A 196 0.20 -8.11 9.01
CA VAL A 196 0.02 -7.69 10.41
C VAL A 196 -0.04 -8.94 11.28
N LEU A 197 0.91 -9.07 12.17
CA LEU A 197 1.05 -10.29 12.97
C LEU A 197 0.60 -10.10 14.42
N HIS A 198 -0.45 -10.80 14.81
CA HIS A 198 -0.99 -10.72 16.15
C HIS A 198 -0.47 -11.87 16.99
N LEU A 199 0.32 -11.53 18.03
CA LEU A 199 0.84 -12.50 18.96
C LEU A 199 0.19 -12.37 20.35
N GLN A 200 -0.53 -13.40 20.82
CA GLN A 200 -0.90 -13.49 22.24
C GLN A 200 0.14 -14.27 23.02
N LEU A 201 0.45 -13.79 24.20
CA LEU A 201 1.37 -14.44 25.14
C LEU A 201 0.59 -15.21 26.20
N MET A 202 0.88 -16.50 26.36
CA MET A 202 0.10 -17.36 27.26
C MET A 202 0.44 -17.13 28.74
N ARG A 203 0.05 -15.95 29.24
CA ARG A 203 0.25 -15.55 30.64
C ARG A 203 -0.85 -16.04 31.59
N PHE A 204 -2.00 -16.41 31.05
CA PHE A 204 -3.17 -16.82 31.84
C PHE A 204 -3.40 -18.30 31.65
N MET A 205 -3.02 -19.09 32.65
CA MET A 205 -2.99 -20.54 32.50
C MET A 205 -3.76 -21.24 33.61
N TYR A 206 -4.51 -22.26 33.20
CA TYR A 206 -5.24 -23.16 34.08
C TYR A 206 -4.32 -23.78 35.11
N ASP A 207 -4.83 -23.91 36.32
CA ASP A 207 -4.08 -24.57 37.37
C ASP A 207 -4.95 -25.65 38.04
N PRO A 208 -4.59 -26.93 37.84
CA PRO A 208 -5.28 -28.06 38.52
C PRO A 208 -5.11 -28.07 40.03
N GLN A 209 -3.90 -27.82 40.54
CA GLN A 209 -3.62 -27.85 41.98
C GLN A 209 -4.60 -26.98 42.77
N THR A 210 -5.10 -25.94 42.10
CA THR A 210 -6.10 -25.03 42.66
C THR A 210 -7.35 -24.82 41.77
N ASP A 211 -7.53 -25.67 40.74
CA ASP A 211 -8.63 -25.53 39.75
C ASP A 211 -9.06 -24.07 39.55
N GLN A 212 -8.22 -23.30 38.87
CA GLN A 212 -8.51 -21.90 38.54
C GLN A 212 -7.39 -21.33 37.66
N ASN A 213 -7.72 -20.38 36.79
CA ASN A 213 -6.71 -19.73 35.94
C ASN A 213 -5.87 -18.74 36.75
N ILE A 214 -4.55 -18.79 36.58
CA ILE A 214 -3.64 -17.86 37.29
C ILE A 214 -2.79 -17.10 36.29
N LYS A 215 -2.48 -15.85 36.64
CA LYS A 215 -1.58 -15.05 35.86
C LYS A 215 -0.14 -15.29 36.21
N ILE A 216 0.65 -15.53 35.17
CA ILE A 216 2.09 -15.66 35.26
C ILE A 216 2.73 -14.31 34.88
N ASN A 217 3.46 -13.74 35.85
CA ASN A 217 4.11 -12.43 35.68
C ASN A 217 5.60 -12.49 35.43
N ASP A 218 6.12 -13.62 34.99
CA ASP A 218 7.57 -13.71 34.74
C ASP A 218 8.05 -12.79 33.58
N ARG A 219 9.36 -12.58 33.55
CA ARG A 219 10.01 -11.73 32.60
C ARG A 219 9.96 -12.40 31.22
N PHE A 220 9.54 -11.63 30.24
CA PHE A 220 9.49 -12.11 28.88
C PHE A 220 9.82 -10.98 27.90
N GLU A 221 10.95 -11.11 27.21
CA GLU A 221 11.51 -10.02 26.41
C GLU A 221 11.03 -10.12 24.98
N PHE A 222 10.64 -9.00 24.42
CA PHE A 222 10.28 -8.95 23.03
C PHE A 222 10.96 -7.77 22.38
N PRO A 223 11.46 -7.95 21.16
CA PRO A 223 12.24 -6.88 20.53
C PRO A 223 11.42 -5.89 19.66
N GLU A 224 11.95 -4.69 19.48
CA GLU A 224 11.40 -3.70 18.57
C GLU A 224 11.38 -4.24 17.14
N GLN A 225 12.44 -4.97 16.79
CA GLN A 225 12.63 -5.50 15.43
C GLN A 225 12.78 -6.97 15.54
N LEU A 226 11.94 -7.69 14.80
CA LEU A 226 11.81 -9.11 14.98
C LEU A 226 12.02 -9.86 13.67
N PRO A 227 13.22 -10.44 13.46
CA PRO A 227 13.45 -11.25 12.26
C PRO A 227 12.92 -12.66 12.41
N LEU A 228 12.00 -13.10 11.53
CA LEU A 228 11.39 -14.41 11.65
C LEU A 228 11.68 -15.36 10.50
N ASP A 229 12.70 -15.07 9.69
CA ASP A 229 13.03 -16.01 8.58
C ASP A 229 13.29 -17.47 9.03
N GLU A 230 13.98 -17.63 10.17
CA GLU A 230 14.34 -18.95 10.72
C GLU A 230 13.14 -19.89 10.95
N PHE A 231 11.95 -19.35 11.04
CA PHE A 231 10.77 -20.17 11.35
C PHE A 231 9.89 -20.52 10.14
N LEU A 232 10.27 -19.98 8.97
CA LEU A 232 9.59 -20.23 7.71
C LEU A 232 10.13 -21.53 7.13
N GLN A 233 9.26 -22.31 6.49
CA GLN A 233 9.74 -23.53 5.82
C GLN A 233 10.63 -23.19 4.60
N LYS A 234 10.35 -22.08 3.92
CA LYS A 234 11.15 -21.59 2.79
C LYS A 234 11.22 -20.06 2.84
N THR A 235 12.43 -19.52 2.98
CA THR A 235 12.59 -18.08 3.00
C THR A 235 12.41 -17.49 1.60
N ASP A 236 12.12 -16.19 1.53
CA ASP A 236 12.16 -15.43 0.28
C ASP A 236 13.24 -14.35 0.35
N PRO A 237 14.32 -14.47 -0.44
CA PRO A 237 15.37 -13.44 -0.36
C PRO A 237 14.94 -12.04 -0.84
N LYS A 238 13.79 -11.95 -1.52
CA LYS A 238 13.24 -10.67 -1.98
C LYS A 238 12.22 -10.04 -0.99
N ASP A 239 11.67 -10.82 -0.05
CA ASP A 239 10.80 -10.33 1.06
C ASP A 239 11.21 -11.07 2.34
N PRO A 240 12.23 -10.55 3.04
CA PRO A 240 12.67 -11.14 4.28
C PRO A 240 11.60 -10.91 5.33
N ALA A 241 11.42 -11.88 6.22
CA ALA A 241 10.36 -11.79 7.23
C ALA A 241 10.79 -10.97 8.41
N ASN A 242 11.08 -9.69 8.16
CA ASN A 242 11.45 -8.74 9.22
C ASN A 242 10.24 -7.94 9.74
N TYR A 243 9.98 -8.05 11.04
CA TYR A 243 8.80 -7.44 11.66
C TYR A 243 9.19 -6.26 12.56
N ILE A 244 8.29 -5.28 12.59
CA ILE A 244 8.43 -4.05 13.32
C ILE A 244 7.32 -3.96 14.33
N LEU A 245 7.67 -3.65 15.57
CA LEU A 245 6.69 -3.64 16.63
C LEU A 245 5.78 -2.46 16.51
N HIS A 246 4.48 -2.70 16.48
CA HIS A 246 3.51 -1.64 16.37
C HIS A 246 2.74 -1.34 17.68
N ALA A 247 2.41 -2.38 18.45
CA ALA A 247 1.53 -2.22 19.60
C ALA A 247 1.82 -3.28 20.64
N VAL A 248 1.64 -2.90 21.88
CA VAL A 248 1.95 -3.72 23.05
C VAL A 248 0.79 -3.59 23.98
N LEU A 249 -0.04 -4.62 24.09
CA LEU A 249 -1.21 -4.63 24.96
C LEU A 249 -0.80 -5.13 26.35
N VAL A 250 -1.09 -4.33 27.36
CA VAL A 250 -0.52 -4.50 28.67
C VAL A 250 -1.58 -4.60 29.75
N HIS A 251 -1.24 -5.34 30.81
CA HIS A 251 -2.14 -5.53 31.94
C HIS A 251 -1.37 -5.56 33.25
N SER A 252 -1.91 -4.87 34.26
CA SER A 252 -1.38 -4.91 35.64
C SER A 252 -2.29 -5.66 36.59
N GLY A 253 -1.70 -6.31 37.58
CA GLY A 253 -2.44 -7.03 38.60
C GLY A 253 -2.58 -8.50 38.25
N ASP A 254 -3.46 -9.17 38.97
CA ASP A 254 -3.60 -10.62 38.89
C ASP A 254 -4.93 -11.11 38.27
N ASN A 255 -5.87 -10.21 37.95
CA ASN A 255 -7.23 -10.64 37.62
C ASN A 255 -7.97 -9.69 36.65
N HIS A 256 -9.23 -10.02 36.35
CA HIS A 256 -10.01 -9.24 35.40
C HIS A 256 -10.37 -7.85 35.95
N GLY A 257 -10.22 -7.65 37.26
CA GLY A 257 -10.25 -6.31 37.86
C GLY A 257 -9.00 -5.42 37.69
N GLY A 258 -7.97 -5.93 37.02
CA GLY A 258 -6.73 -5.19 36.87
C GLY A 258 -6.83 -4.06 35.87
N HIS A 259 -5.68 -3.47 35.58
CA HIS A 259 -5.57 -2.29 34.74
C HIS A 259 -5.02 -2.66 33.34
N TYR A 260 -5.83 -2.36 32.33
CA TYR A 260 -5.53 -2.66 30.95
C TYR A 260 -5.15 -1.40 30.17
N VAL A 261 -3.95 -1.35 29.59
CA VAL A 261 -3.57 -0.24 28.73
C VAL A 261 -2.90 -0.75 27.48
N VAL A 262 -2.74 0.10 26.48
CA VAL A 262 -2.01 -0.26 25.27
C VAL A 262 -1.06 0.86 24.85
N TYR A 263 0.15 0.46 24.43
CA TYR A 263 1.15 1.38 23.91
C TYR A 263 1.18 1.19 22.38
N LEU A 264 1.27 2.27 21.62
CA LEU A 264 1.34 2.20 20.14
C LEU A 264 2.37 3.18 19.63
N ASN A 265 3.03 2.85 18.52
CA ASN A 265 3.62 3.93 17.69
C ASN A 265 2.86 3.99 16.39
N PRO A 266 1.73 4.69 16.39
CA PRO A 266 0.75 4.61 15.29
C PRO A 266 1.26 4.68 13.86
N LYS A 267 2.24 5.55 13.63
CA LYS A 267 2.77 5.76 12.27
C LYS A 267 4.00 4.94 11.95
N GLY A 268 4.40 4.06 12.88
CA GLY A 268 5.49 3.13 12.62
C GLY A 268 6.89 3.69 12.77
N ASP A 269 6.97 4.97 13.12
CA ASP A 269 8.23 5.70 13.17
C ASP A 269 8.94 5.65 14.53
N GLY A 270 8.52 4.74 15.43
CA GLY A 270 9.13 4.64 16.76
C GLY A 270 8.84 5.80 17.72
N LYS A 271 7.86 6.64 17.38
CA LYS A 271 7.38 7.67 18.30
C LYS A 271 6.19 7.04 19.07
N TRP A 272 6.36 6.72 20.34
CA TRP A 272 5.29 6.01 21.10
C TRP A 272 4.30 6.84 21.93
N CYS A 273 3.12 6.25 22.14
CA CYS A 273 2.06 6.79 23.00
C CYS A 273 1.49 5.67 23.83
N LYS A 274 0.92 6.05 24.98
CA LYS A 274 0.19 5.16 25.88
C LYS A 274 -1.28 5.56 25.91
N PHE A 275 -2.16 4.60 25.64
CA PHE A 275 -3.62 4.82 25.61
C PHE A 275 -4.19 4.10 26.82
N ASP A 276 -4.68 4.87 27.77
CA ASP A 276 -5.06 4.39 29.09
C ASP A 276 -6.47 4.89 29.17
N ASP A 277 -7.36 4.16 28.51
CA ASP A 277 -8.73 4.56 28.38
C ASP A 277 -8.84 5.99 27.88
N ASP A 278 -9.28 6.93 28.68
CA ASP A 278 -9.56 8.30 28.14
C ASP A 278 -8.32 9.20 28.02
N VAL A 279 -7.22 8.76 28.62
CA VAL A 279 -6.03 9.57 28.71
C VAL A 279 -5.02 8.99 27.73
N VAL A 280 -4.69 9.79 26.72
CA VAL A 280 -3.63 9.47 25.75
C VAL A 280 -2.47 10.42 25.93
N SER A 281 -1.27 9.88 26.11
CA SER A 281 -0.08 10.65 26.41
C SER A 281 1.10 10.10 25.68
N ARG A 282 2.04 10.96 25.36
CA ARG A 282 3.28 10.53 24.77
C ARG A 282 4.07 9.71 25.81
N CYS A 283 4.85 8.73 25.34
CA CYS A 283 5.75 7.97 26.22
C CYS A 283 7.00 7.61 25.49
N THR A 284 7.99 7.15 26.26
CA THR A 284 9.25 6.70 25.68
C THR A 284 9.12 5.31 25.10
N LYS A 285 10.04 5.00 24.19
CA LYS A 285 10.19 3.65 23.66
C LYS A 285 10.47 2.63 24.79
N GLU A 286 11.28 3.05 25.76
CA GLU A 286 11.59 2.21 26.96
C GLU A 286 10.35 1.91 27.79
N GLU A 287 9.44 2.87 27.92
CA GLU A 287 8.22 2.60 28.65
C GLU A 287 7.30 1.64 27.92
N ALA A 288 7.32 1.65 26.59
CA ALA A 288 6.40 0.82 25.83
C ALA A 288 6.91 -0.58 25.73
N ILE A 289 8.23 -0.74 25.58
CA ILE A 289 8.88 -2.02 25.38
C ILE A 289 9.39 -2.68 26.66
N GLU A 290 10.62 -2.31 27.08
CA GLU A 290 11.33 -2.90 28.21
C GLU A 290 10.48 -3.00 29.49
N HIS A 291 9.88 -1.88 29.87
CA HIS A 291 9.06 -1.75 31.12
C HIS A 291 7.94 -2.77 31.25
N ASN A 292 7.49 -3.33 30.13
CA ASN A 292 6.43 -4.32 30.12
C ASN A 292 6.93 -5.75 29.91
N TYR A 293 8.21 -5.98 30.16
CA TYR A 293 8.76 -7.34 30.14
C TYR A 293 8.27 -8.11 31.37
N GLY A 294 8.16 -7.42 32.51
CA GLY A 294 7.68 -8.06 33.73
C GLY A 294 8.84 -8.51 34.58
N GLY A 295 8.55 -9.34 35.59
CA GLY A 295 9.53 -9.66 36.65
C GLY A 295 9.50 -8.62 37.77
N HIS A 296 10.69 -8.23 38.24
CA HIS A 296 10.87 -7.28 39.36
C HIS A 296 10.14 -7.72 40.62
N CYS A 305 3.98 -6.74 38.43
CA CYS A 305 2.79 -7.36 37.86
C CYS A 305 2.28 -6.68 36.58
N THR A 306 2.95 -5.63 36.14
CA THR A 306 2.62 -4.96 34.86
C THR A 306 3.37 -5.56 33.67
N ASN A 307 2.65 -6.01 32.66
CA ASN A 307 3.33 -6.68 31.56
C ASN A 307 2.45 -6.91 30.35
N ALA A 308 3.08 -7.33 29.27
CA ALA A 308 2.38 -7.49 27.99
C ALA A 308 1.74 -8.89 27.90
N TYR A 309 0.51 -8.98 27.37
CA TYR A 309 -0.12 -10.23 27.02
C TYR A 309 -0.45 -10.37 25.50
N MET A 310 -0.25 -9.33 24.70
CA MET A 310 -0.44 -9.41 23.26
C MET A 310 0.42 -8.34 22.58
N LEU A 311 0.99 -8.69 21.45
CA LEU A 311 1.91 -7.81 20.69
C LEU A 311 1.47 -7.84 19.25
N VAL A 312 1.54 -6.66 18.62
CA VAL A 312 1.26 -6.56 17.20
C VAL A 312 2.48 -6.08 16.48
N TYR A 313 2.90 -6.86 15.49
CA TYR A 313 4.02 -6.52 14.62
C TYR A 313 3.54 -6.34 13.22
N ILE A 314 4.19 -5.44 12.47
CA ILE A 314 3.90 -5.25 11.03
C ILE A 314 5.14 -5.57 10.25
N ARG A 315 4.99 -6.34 9.20
CA ARG A 315 6.10 -6.66 8.32
C ARG A 315 6.68 -5.42 7.64
N GLU A 316 7.99 -5.36 7.58
CA GLU A 316 8.69 -4.16 7.14
C GLU A 316 8.32 -3.73 5.69
N SER A 317 8.18 -4.74 4.82
CA SER A 317 7.92 -4.48 3.41
C SER A 317 6.47 -4.07 3.22
N LYS A 318 5.65 -4.13 4.27
CA LYS A 318 4.26 -3.76 4.14
C LYS A 318 3.92 -2.53 4.94
N LEU A 319 4.86 -2.06 5.70
CA LEU A 319 4.58 -0.95 6.66
C LEU A 319 3.90 0.23 5.98
N SER A 320 4.40 0.61 4.78
CA SER A 320 3.87 1.82 4.12
C SER A 320 2.43 1.66 3.74
N GLU A 321 2.09 0.44 3.34
CA GLU A 321 0.77 0.15 2.88
C GLU A 321 -0.16 0.07 4.08
N VAL A 322 0.20 -0.76 5.03
CA VAL A 322 -0.68 -1.01 6.19
C VAL A 322 -0.98 0.30 6.92
N LEU A 323 0.01 1.19 7.05
CA LEU A 323 -0.15 2.46 7.75
C LEU A 323 -0.25 3.71 6.81
N GLN A 324 -0.67 3.49 5.57
CA GLN A 324 -1.08 4.59 4.63
C GLN A 324 -2.03 5.55 5.34
N ALA A 325 -1.83 6.82 5.05
CA ALA A 325 -2.64 7.85 5.66
C ALA A 325 -4.12 7.74 5.21
N VAL A 326 -4.99 8.12 6.14
CA VAL A 326 -6.41 8.01 6.00
C VAL A 326 -6.95 9.39 6.20
N THR A 327 -7.57 9.93 5.17
CA THR A 327 -8.10 11.29 5.27
C THR A 327 -9.60 11.18 5.28
N ASP A 328 -10.28 12.31 5.53
CA ASP A 328 -11.73 12.29 5.60
C ASP A 328 -12.33 12.09 4.20
N HIS A 329 -11.54 12.32 3.16
CA HIS A 329 -11.93 11.95 1.82
C HIS A 329 -12.14 10.43 1.65
N ASP A 330 -11.50 9.62 2.48
CA ASP A 330 -11.67 8.18 2.50
C ASP A 330 -12.92 7.67 3.22
N ILE A 331 -13.84 8.56 3.56
CA ILE A 331 -15.03 8.18 4.32
C ILE A 331 -16.23 8.56 3.45
N PRO A 332 -16.96 7.57 2.92
CA PRO A 332 -18.13 7.90 2.10
C PRO A 332 -19.05 8.86 2.84
N GLN A 333 -19.58 9.83 2.10
CA GLN A 333 -20.34 10.94 2.67
C GLN A 333 -21.65 10.44 3.25
N GLN A 334 -22.19 9.38 2.68
CA GLN A 334 -23.36 8.73 3.25
C GLN A 334 -23.08 8.30 4.70
N LEU A 335 -21.86 7.87 4.98
CA LEU A 335 -21.57 7.50 6.36
C LEU A 335 -21.39 8.71 7.28
N VAL A 336 -20.75 9.75 6.79
CA VAL A 336 -20.61 10.97 7.57
C VAL A 336 -21.98 11.53 7.93
N GLU A 337 -22.88 11.61 6.96
CA GLU A 337 -24.18 12.23 7.22
C GLU A 337 -24.97 11.44 8.28
N ARG A 338 -24.85 10.11 8.29
CA ARG A 338 -25.66 9.28 9.21
C ARG A 338 -25.19 9.39 10.64
N LEU A 339 -23.88 9.44 10.81
CA LEU A 339 -23.31 9.68 12.14
C LEU A 339 -23.54 11.09 12.58
N GLN A 340 -23.42 12.06 11.67
CA GLN A 340 -23.64 13.44 12.06
C GLN A 340 -25.11 13.68 12.42
N GLU A 341 -26.04 12.92 11.82
CA GLU A 341 -27.46 12.98 12.19
C GLU A 341 -27.72 12.35 13.56
N GLU A 342 -27.02 11.26 13.86
CA GLU A 342 -27.11 10.68 15.19
C GLU A 342 -26.70 11.69 16.25
N LYS A 343 -25.57 12.35 16.00
CA LYS A 343 -25.06 13.41 16.89
C LYS A 343 -26.00 14.57 17.00
N ARG A 344 -26.66 14.93 15.91
CA ARG A 344 -27.59 16.05 15.92
CA ARG A 344 -27.61 16.04 15.93
C ARG A 344 -28.73 15.72 16.89
N ILE A 345 -29.30 14.53 16.76
CA ILE A 345 -30.45 14.12 17.58
C ILE A 345 -30.13 13.88 19.06
N GLU A 346 -28.93 13.37 19.37
CA GLU A 346 -28.50 13.22 20.77
C GLU A 346 -28.34 14.59 21.45
N ALA A 347 -27.73 15.53 20.74
CA ALA A 347 -27.60 16.92 21.23
C ALA A 347 -28.97 17.60 21.37
N GLN A 348 -29.96 17.14 20.60
CA GLN A 348 -31.33 17.69 20.62
C GLN A 348 -32.13 17.23 21.85
N LYS A 349 -32.05 15.94 22.12
CA LYS A 349 -32.68 15.35 23.31
C LYS A 349 -31.96 15.90 24.54
N ARG A 350 -30.63 16.03 24.46
CA ARG A 350 -29.82 16.67 25.51
C ARG A 350 -30.36 18.07 25.92
N LYS A 351 -30.41 19.02 24.98
CA LYS A 351 -31.05 20.33 25.26
C LYS A 351 -32.57 20.20 25.45
N HIS B 5 24.22 -5.50 -14.28
CA HIS B 5 22.89 -5.00 -14.73
C HIS B 5 22.20 -4.19 -13.64
N THR B 6 20.91 -3.94 -13.83
CA THR B 6 20.14 -2.94 -13.08
C THR B 6 18.96 -3.50 -12.24
N GLY B 7 18.48 -4.70 -12.59
CA GLY B 7 17.23 -5.25 -12.00
C GLY B 7 15.97 -4.91 -12.80
N TYR B 8 16.04 -3.86 -13.61
CA TYR B 8 14.98 -3.48 -14.54
C TYR B 8 15.35 -3.90 -15.96
N VAL B 9 14.35 -4.06 -16.82
CA VAL B 9 14.57 -4.60 -18.16
C VAL B 9 14.15 -3.54 -19.17
N GLY B 10 14.78 -3.55 -20.33
CA GLY B 10 14.51 -2.60 -21.40
C GLY B 10 13.40 -3.02 -22.35
N LEU B 11 13.04 -2.07 -23.21
CA LEU B 11 12.10 -2.30 -24.31
C LEU B 11 12.92 -2.42 -25.60
N LYS B 12 12.57 -3.38 -26.45
CA LYS B 12 13.30 -3.57 -27.71
C LYS B 12 13.09 -2.30 -28.50
N ASN B 13 14.15 -1.80 -29.14
CA ASN B 13 13.97 -0.87 -30.24
C ASN B 13 13.21 -1.62 -31.31
N GLN B 14 12.19 -1.01 -31.88
CA GLN B 14 11.40 -1.67 -32.93
C GLN B 14 11.02 -0.68 -34.05
N GLY B 15 12.00 0.07 -34.52
CA GLY B 15 11.77 1.18 -35.47
C GLY B 15 11.58 2.55 -34.85
N ALA B 16 11.07 3.46 -35.68
CA ALA B 16 10.98 4.88 -35.35
C ALA B 16 9.68 5.29 -34.60
N THR B 17 9.45 4.67 -33.43
CA THR B 17 8.35 5.00 -32.49
C THR B 17 8.74 6.15 -31.54
N CYS B 18 9.83 6.82 -31.86
CA CYS B 18 10.29 8.01 -31.19
C CYS B 18 10.23 7.92 -29.66
N TYR B 19 9.31 8.64 -29.04
CA TYR B 19 9.17 8.79 -27.57
C TYR B 19 8.40 7.67 -26.88
N MET B 20 7.97 6.65 -27.62
CA MET B 20 7.04 5.71 -27.07
C MET B 20 7.65 4.91 -25.96
N ASN B 21 8.83 4.37 -26.20
CA ASN B 21 9.49 3.49 -25.23
C ASN B 21 9.73 4.26 -23.94
N SER B 22 10.15 5.51 -24.05
CA SER B 22 10.43 6.32 -22.88
C SER B 22 9.16 6.50 -22.02
N LEU B 23 8.01 6.64 -22.67
CA LEU B 23 6.76 6.88 -21.99
C LEU B 23 6.27 5.61 -21.36
N LEU B 24 6.45 4.49 -22.04
CA LEU B 24 6.03 3.20 -21.49
C LEU B 24 6.73 2.94 -20.17
N GLN B 25 8.01 3.29 -20.09
CA GLN B 25 8.70 3.04 -18.83
C GLN B 25 8.17 3.96 -17.76
N THR B 26 7.89 5.20 -18.12
CA THR B 26 7.39 6.21 -17.20
C THR B 26 6.07 5.67 -16.61
N LEU B 27 5.22 5.09 -17.46
CA LEU B 27 3.92 4.62 -16.99
C LEU B 27 4.06 3.33 -16.21
N PHE B 28 4.94 2.44 -16.65
CA PHE B 28 5.17 1.20 -15.94
C PHE B 28 5.57 1.45 -14.49
N PHE B 29 6.35 2.50 -14.25
CA PHE B 29 6.88 2.82 -12.95
C PHE B 29 5.98 3.77 -12.10
N THR B 30 4.86 4.21 -12.68
CA THR B 30 3.75 4.71 -11.94
C THR B 30 2.99 3.50 -11.39
N ASN B 31 3.56 2.90 -10.36
CA ASN B 31 3.10 1.59 -9.85
C ASN B 31 1.61 1.51 -9.58
N GLN B 32 1.04 2.57 -9.02
CA GLN B 32 -0.38 2.51 -8.70
C GLN B 32 -1.21 2.35 -9.98
N LEU B 33 -0.82 3.02 -11.05
CA LEU B 33 -1.46 2.82 -12.36
C LEU B 33 -1.31 1.40 -12.77
N ARG B 34 -0.09 0.88 -12.60
CA ARG B 34 0.24 -0.43 -13.08
C ARG B 34 -0.66 -1.49 -12.45
N LYS B 35 -0.79 -1.43 -11.14
CA LYS B 35 -1.66 -2.38 -10.40
C LYS B 35 -3.08 -2.26 -10.88
N ALA B 36 -3.54 -1.03 -11.05
CA ALA B 36 -4.90 -0.89 -11.60
C ALA B 36 -4.98 -1.52 -13.02
N VAL B 37 -3.96 -1.33 -13.84
CA VAL B 37 -4.00 -1.89 -15.21
C VAL B 37 -4.15 -3.41 -15.23
N TYR B 38 -3.33 -4.10 -14.42
CA TYR B 38 -3.44 -5.54 -14.20
C TYR B 38 -4.84 -6.02 -13.81
N MET B 39 -5.64 -5.18 -13.19
CA MET B 39 -6.97 -5.58 -12.76
C MET B 39 -8.07 -5.44 -13.80
N MET B 40 -7.77 -4.93 -14.99
CA MET B 40 -8.83 -4.64 -15.93
C MET B 40 -9.40 -5.97 -16.40
N PRO B 41 -10.74 -6.08 -16.52
CA PRO B 41 -11.33 -7.34 -16.98
C PRO B 41 -11.19 -7.48 -18.49
N THR B 42 -10.03 -8.00 -18.91
CA THR B 42 -9.68 -8.20 -20.31
C THR B 42 -9.94 -9.60 -20.87
N GLU B 43 -10.19 -10.57 -20.00
CA GLU B 43 -10.41 -11.98 -20.38
C GLU B 43 -11.23 -12.22 -21.67
N GLY B 44 -12.21 -11.38 -21.94
CA GLY B 44 -12.99 -11.46 -23.19
C GLY B 44 -12.45 -10.65 -24.38
N ASP B 45 -11.40 -9.84 -24.18
CA ASP B 45 -10.89 -8.97 -25.24
C ASP B 45 -10.26 -9.72 -26.39
N ASP B 46 -10.29 -9.08 -27.56
CA ASP B 46 -9.59 -9.58 -28.74
C ASP B 46 -8.06 -9.40 -28.58
N SER B 47 -7.37 -10.53 -28.58
CA SER B 47 -5.91 -10.65 -28.52
C SER B 47 -5.07 -9.58 -29.26
N SER B 48 -5.58 -9.02 -30.36
CA SER B 48 -4.81 -8.08 -31.19
C SER B 48 -5.42 -6.68 -31.41
N LYS B 49 -6.70 -6.50 -31.08
CA LYS B 49 -7.32 -5.17 -31.16
C LYS B 49 -7.39 -4.45 -29.81
N SER B 50 -7.05 -5.12 -28.71
CA SER B 50 -7.26 -4.55 -27.39
C SER B 50 -6.01 -3.82 -26.88
N VAL B 51 -6.13 -2.51 -26.78
CA VAL B 51 -5.08 -1.69 -26.22
C VAL B 51 -4.93 -1.98 -24.71
N PRO B 52 -6.06 -2.17 -23.99
CA PRO B 52 -5.92 -2.57 -22.60
C PRO B 52 -5.19 -3.89 -22.41
N LEU B 53 -5.53 -4.91 -23.18
CA LEU B 53 -4.77 -6.16 -23.10
C LEU B 53 -3.32 -5.96 -23.47
N ALA B 54 -3.05 -5.21 -24.53
CA ALA B 54 -1.67 -4.97 -24.98
C ALA B 54 -0.82 -4.23 -23.94
N LEU B 55 -1.42 -3.33 -23.17
CA LEU B 55 -0.68 -2.68 -22.09
C LEU B 55 -0.43 -3.64 -20.94
N GLN B 56 -1.41 -4.50 -20.63
CA GLN B 56 -1.17 -5.44 -19.58
C GLN B 56 0.06 -6.28 -19.99
N ARG B 57 0.04 -6.79 -21.23
CA ARG B 57 1.13 -7.63 -21.73
C ARG B 57 2.50 -6.93 -21.60
N VAL B 58 2.61 -5.67 -22.04
CA VAL B 58 3.88 -4.96 -21.93
C VAL B 58 4.31 -4.86 -20.47
N PHE B 59 3.40 -4.40 -19.60
CA PHE B 59 3.65 -4.28 -18.14
C PHE B 59 4.08 -5.62 -17.49
N TYR B 60 3.33 -6.68 -17.70
CA TYR B 60 3.73 -7.98 -17.22
C TYR B 60 5.16 -8.35 -17.60
N GLU B 61 5.47 -8.16 -18.88
CA GLU B 61 6.77 -8.57 -19.41
C GLU B 61 7.87 -7.72 -18.87
N LEU B 62 7.69 -6.41 -18.86
CA LEU B 62 8.66 -5.54 -18.16
C LEU B 62 8.89 -5.97 -16.70
N GLN B 63 7.85 -6.51 -16.07
CA GLN B 63 7.98 -6.90 -14.69
C GLN B 63 8.59 -8.24 -14.52
N HIS B 64 8.48 -9.12 -15.51
CA HIS B 64 8.99 -10.49 -15.32
C HIS B 64 10.11 -10.95 -16.25
N SER B 65 10.28 -10.30 -17.40
CA SER B 65 11.23 -10.80 -18.38
C SER B 65 12.66 -10.43 -18.02
N ASP B 66 13.57 -11.36 -18.30
CA ASP B 66 15.01 -11.12 -18.18
C ASP B 66 15.51 -10.56 -19.51
N LYS B 67 14.72 -10.72 -20.58
CA LYS B 67 15.07 -10.27 -21.92
C LYS B 67 14.28 -9.03 -22.32
N PRO B 68 14.85 -8.19 -23.17
CA PRO B 68 14.13 -6.98 -23.60
C PRO B 68 12.71 -7.30 -24.09
N VAL B 69 11.78 -6.35 -23.93
CA VAL B 69 10.37 -6.56 -24.22
C VAL B 69 9.88 -5.91 -25.51
N GLY B 70 9.00 -6.60 -26.24
CA GLY B 70 8.46 -6.11 -27.53
C GLY B 70 7.19 -5.26 -27.39
N THR B 71 6.95 -4.38 -28.36
CA THR B 71 5.85 -3.43 -28.35
C THR B 71 4.97 -3.42 -29.60
N LYS B 72 5.21 -4.32 -30.53
CA LYS B 72 4.51 -4.32 -31.84
C LYS B 72 3.00 -4.64 -31.71
N LYS B 73 2.65 -5.60 -30.88
CA LYS B 73 1.23 -5.82 -30.61
C LYS B 73 0.58 -4.55 -30.06
N LEU B 74 1.29 -3.80 -29.23
CA LEU B 74 0.72 -2.56 -28.64
C LEU B 74 0.45 -1.46 -29.69
N THR B 75 1.45 -1.21 -30.53
CA THR B 75 1.34 -0.18 -31.59
C THR B 75 0.28 -0.55 -32.60
N LYS B 76 0.19 -1.83 -32.96
CA LYS B 76 -0.95 -2.29 -33.75
C LYS B 76 -2.27 -1.94 -33.09
N SER B 77 -2.38 -2.21 -31.79
CA SER B 77 -3.65 -2.11 -31.13
C SER B 77 -4.14 -0.68 -31.20
N PHE B 78 -3.26 0.30 -31.05
CA PHE B 78 -3.77 1.68 -31.10
C PHE B 78 -3.65 2.35 -32.45
N GLY B 79 -3.23 1.59 -33.46
CA GLY B 79 -3.30 2.00 -34.85
C GLY B 79 -2.35 3.09 -35.30
N TRP B 80 -1.18 3.19 -34.63
CA TRP B 80 -0.11 4.12 -35.04
C TRP B 80 1.00 3.36 -35.75
N GLU B 81 0.63 2.63 -36.78
CA GLU B 81 1.59 1.80 -37.49
C GLU B 81 2.13 2.50 -38.72
N THR B 82 1.60 3.67 -39.07
CA THR B 82 1.98 4.32 -40.32
C THR B 82 3.35 4.92 -40.14
N LEU B 83 3.99 5.19 -41.26
CA LEU B 83 5.35 5.70 -41.25
C LEU B 83 5.51 6.89 -40.31
N ASP B 84 4.51 7.78 -40.29
CA ASP B 84 4.60 9.10 -39.61
C ASP B 84 3.69 9.31 -38.44
N SER B 85 3.10 8.22 -37.91
CA SER B 85 2.08 8.35 -36.83
C SER B 85 2.61 9.05 -35.62
N PHE B 86 3.82 8.68 -35.24
CA PHE B 86 4.48 9.30 -34.15
C PHE B 86 4.95 10.72 -34.46
N MET B 87 5.26 11.03 -35.71
CA MET B 87 5.60 12.42 -36.07
C MET B 87 4.42 13.38 -36.11
N GLN B 88 3.21 12.88 -36.36
CA GLN B 88 2.04 13.74 -36.45
C GLN B 88 1.43 13.98 -35.05
N HIS B 89 2.07 13.46 -33.98
CA HIS B 89 1.58 13.68 -32.61
C HIS B 89 2.62 14.09 -31.58
N ASP B 90 2.16 14.84 -30.59
CA ASP B 90 2.95 15.15 -29.39
C ASP B 90 2.99 14.00 -28.41
N VAL B 91 3.99 13.98 -27.55
CA VAL B 91 4.10 12.88 -26.58
C VAL B 91 2.86 12.75 -25.70
N GLN B 92 2.32 13.90 -25.27
CA GLN B 92 1.17 13.87 -24.38
C GLN B 92 -0.03 13.32 -25.07
N GLU B 93 -0.01 13.29 -26.39
CA GLU B 93 -1.17 12.79 -27.16
C GLU B 93 -1.14 11.27 -27.15
N LEU B 94 0.04 10.70 -27.11
CA LEU B 94 0.17 9.27 -26.92
C LEU B 94 -0.32 8.88 -25.55
N CYS B 95 0.16 9.60 -24.55
CA CYS B 95 -0.27 9.37 -23.18
C CYS B 95 -1.77 9.36 -23.06
N ARG B 96 -2.41 10.38 -23.57
CA ARG B 96 -3.88 10.43 -23.55
C ARG B 96 -4.52 9.23 -24.18
N VAL B 97 -4.03 8.86 -25.36
CA VAL B 97 -4.55 7.68 -26.03
C VAL B 97 -4.50 6.46 -25.12
N LEU B 98 -3.36 6.25 -24.49
CA LEU B 98 -3.16 5.08 -23.63
C LEU B 98 -4.04 5.17 -22.40
N LEU B 99 -3.95 6.30 -21.72
CA LEU B 99 -4.66 6.45 -20.48
C LEU B 99 -6.19 6.44 -20.64
N ASP B 100 -6.69 6.98 -21.73
CA ASP B 100 -8.14 6.97 -22.03
C ASP B 100 -8.68 5.56 -22.27
N ASN B 101 -7.99 4.78 -23.10
CA ASN B 101 -8.40 3.41 -23.33
C ASN B 101 -8.50 2.72 -21.98
N VAL B 102 -7.52 2.97 -21.15
CA VAL B 102 -7.41 2.29 -19.89
C VAL B 102 -8.47 2.80 -18.88
N GLU B 103 -8.72 4.10 -18.78
CA GLU B 103 -9.79 4.54 -17.91
C GLU B 103 -11.11 3.93 -18.38
N ASN B 104 -11.34 3.88 -19.70
CA ASN B 104 -12.60 3.39 -20.19
C ASN B 104 -12.80 1.93 -19.84
N LYS B 105 -11.77 1.13 -19.94
CA LYS B 105 -11.92 -0.29 -19.58
C LYS B 105 -12.11 -0.45 -18.03
N MET B 106 -11.64 0.50 -17.23
CA MET B 106 -11.87 0.43 -15.76
C MET B 106 -13.25 0.88 -15.36
N LYS B 107 -14.06 1.31 -16.33
CA LYS B 107 -15.42 1.79 -16.03
C LYS B 107 -16.30 0.68 -15.52
N GLY B 108 -17.05 0.95 -14.47
CA GLY B 108 -17.85 -0.06 -13.84
C GLY B 108 -17.08 -1.04 -12.98
N THR B 109 -15.77 -0.85 -12.79
CA THR B 109 -15.00 -1.75 -11.90
C THR B 109 -14.51 -1.06 -10.62
N CYS B 110 -13.87 -1.87 -9.78
CA CYS B 110 -13.42 -1.39 -8.48
C CYS B 110 -12.25 -0.44 -8.66
N VAL B 111 -11.70 -0.34 -9.86
CA VAL B 111 -10.62 0.59 -10.10
C VAL B 111 -11.06 1.79 -10.97
N GLU B 112 -12.37 1.90 -11.19
CA GLU B 112 -12.92 3.06 -11.81
C GLU B 112 -12.40 4.27 -11.08
N GLY B 113 -11.92 5.23 -11.89
CA GLY B 113 -11.49 6.54 -11.45
C GLY B 113 -10.01 6.64 -11.18
N THR B 114 -9.26 5.58 -11.46
CA THR B 114 -7.83 5.56 -11.15
C THR B 114 -7.03 6.54 -11.95
N ILE B 115 -7.33 6.70 -13.25
CA ILE B 115 -6.60 7.68 -14.08
C ILE B 115 -6.86 9.13 -13.64
N PRO B 116 -8.12 9.53 -13.54
CA PRO B 116 -8.31 10.89 -12.98
C PRO B 116 -7.64 11.12 -11.62
N LYS B 117 -7.81 10.18 -10.71
CA LYS B 117 -7.17 10.27 -9.38
C LYS B 117 -5.67 10.48 -9.47
N LEU B 118 -4.99 9.74 -10.33
CA LEU B 118 -3.53 9.96 -10.45
C LEU B 118 -3.07 11.21 -11.19
N PHE B 119 -3.75 11.57 -12.28
CA PHE B 119 -3.15 12.47 -13.26
C PHE B 119 -3.92 13.74 -13.51
N ARG B 120 -5.14 13.87 -12.97
CA ARG B 120 -5.97 15.03 -13.32
C ARG B 120 -5.93 16.16 -12.31
N GLY B 121 -5.74 17.38 -12.78
CA GLY B 121 -5.80 18.57 -11.96
C GLY B 121 -6.88 19.48 -12.51
N LYS B 122 -7.18 20.55 -11.76
CA LYS B 122 -8.16 21.56 -12.17
C LYS B 122 -7.44 22.89 -12.18
N MET B 123 -7.75 23.72 -13.17
CA MET B 123 -7.32 25.10 -13.16
C MET B 123 -8.49 26.03 -13.49
N VAL B 124 -8.35 27.29 -13.07
CA VAL B 124 -9.31 28.33 -13.45
C VAL B 124 -8.70 29.23 -14.52
N SER B 125 -9.44 29.45 -15.59
CA SER B 125 -9.11 30.45 -16.61
C SER B 125 -10.11 31.62 -16.49
N TYR B 126 -9.61 32.86 -16.41
CA TYR B 126 -10.43 34.01 -16.07
C TYR B 126 -10.22 35.17 -17.04
N SER B 136 -15.30 36.87 -16.11
CA SER B 136 -15.45 35.51 -16.66
C SER B 136 -14.49 34.55 -15.98
N ASP B 137 -15.00 33.49 -15.37
CA ASP B 137 -14.14 32.39 -14.87
C ASP B 137 -14.66 30.99 -15.28
N ARG B 138 -13.73 30.10 -15.62
CA ARG B 138 -14.06 28.76 -16.08
C ARG B 138 -13.04 27.74 -15.59
N ARG B 139 -13.54 26.61 -15.10
CA ARG B 139 -12.70 25.52 -14.66
C ARG B 139 -12.37 24.63 -15.87
N GLU B 140 -11.10 24.34 -16.07
CA GLU B 140 -10.66 23.31 -17.03
C GLU B 140 -9.90 22.21 -16.25
N ASP B 141 -10.18 20.95 -16.59
CA ASP B 141 -9.41 19.83 -16.09
C ASP B 141 -8.22 19.69 -17.03
N TYR B 142 -7.10 19.20 -16.50
CA TYR B 142 -5.98 18.88 -17.31
C TYR B 142 -5.38 17.61 -16.76
N TYR B 143 -4.71 16.89 -17.66
CA TYR B 143 -3.96 15.72 -17.33
C TYR B 143 -2.47 15.93 -17.51
N ASP B 144 -2.09 17.06 -18.07
CA ASP B 144 -0.70 17.38 -18.31
C ASP B 144 -0.60 18.88 -18.54
N ILE B 145 0.61 19.42 -18.51
CA ILE B 145 0.82 20.84 -18.66
C ILE B 145 1.94 21.08 -19.64
N GLN B 146 1.67 21.97 -20.60
CA GLN B 146 2.67 22.36 -21.59
C GLN B 146 3.28 23.65 -21.11
N LEU B 147 4.58 23.61 -20.83
CA LEU B 147 5.32 24.76 -20.32
C LEU B 147 6.22 25.40 -21.39
N SER B 148 6.22 26.72 -21.41
CA SER B 148 7.08 27.47 -22.33
C SER B 148 8.49 27.58 -21.77
N ILE B 149 9.49 27.42 -22.62
CA ILE B 149 10.89 27.52 -22.20
C ILE B 149 11.73 28.62 -22.92
N LYS B 150 11.19 29.17 -24.01
CA LYS B 150 11.89 30.12 -24.82
C LYS B 150 12.06 31.39 -24.01
N GLY B 151 13.32 31.75 -23.75
CA GLY B 151 13.64 32.94 -22.96
C GLY B 151 13.37 32.78 -21.47
N LYS B 152 13.04 31.57 -21.01
CA LYS B 152 12.81 31.33 -19.57
C LYS B 152 14.04 30.58 -19.04
N LYS B 153 14.58 30.97 -17.90
CA LYS B 153 15.74 30.27 -17.33
C LYS B 153 15.36 28.92 -16.74
N ASN B 154 14.19 28.79 -16.15
CA ASN B 154 13.90 27.59 -15.34
C ASN B 154 12.43 27.31 -15.19
N ILE B 155 12.10 26.18 -14.54
CA ILE B 155 10.72 25.73 -14.34
C ILE B 155 9.95 26.81 -13.59
N PHE B 156 10.56 27.34 -12.53
CA PHE B 156 9.96 28.44 -11.76
C PHE B 156 9.51 29.59 -12.70
N GLU B 157 10.37 30.01 -13.62
CA GLU B 157 10.01 31.09 -14.53
C GLU B 157 8.94 30.68 -15.53
N SER B 158 8.93 29.42 -15.97
CA SER B 158 7.85 28.95 -16.84
C SER B 158 6.54 29.03 -16.13
N PHE B 159 6.51 28.61 -14.86
CA PHE B 159 5.29 28.68 -14.08
C PHE B 159 4.83 30.09 -13.88
N VAL B 160 5.75 30.97 -13.54
CA VAL B 160 5.40 32.37 -13.39
C VAL B 160 4.78 32.88 -14.70
N ASP B 161 5.36 32.52 -15.85
CA ASP B 161 4.78 32.93 -17.13
C ASP B 161 3.42 32.27 -17.41
N TYR B 162 3.23 31.04 -16.96
CA TYR B 162 1.98 30.33 -17.21
C TYR B 162 0.82 31.06 -16.56
N VAL B 163 1.00 31.51 -15.31
CA VAL B 163 -0.05 32.22 -14.53
C VAL B 163 0.03 33.75 -14.64
N ALA B 164 1.00 34.27 -15.39
CA ALA B 164 1.12 35.73 -15.56
C ALA B 164 -0.12 36.31 -16.23
N VAL B 165 -0.56 37.44 -15.69
CA VAL B 165 -1.71 38.18 -16.19
C VAL B 165 -1.31 38.85 -17.52
N GLU B 166 -2.04 38.57 -18.60
CA GLU B 166 -1.69 39.11 -19.93
C GLU B 166 -2.08 40.58 -20.12
N LYS B 186 -6.55 38.97 -18.51
CA LYS B 186 -6.85 37.53 -18.57
C LYS B 186 -5.72 36.72 -17.92
N GLY B 187 -6.04 35.47 -17.56
CA GLY B 187 -5.04 34.61 -16.91
C GLY B 187 -5.49 33.22 -16.49
N VAL B 188 -4.58 32.49 -15.85
CA VAL B 188 -4.85 31.16 -15.33
C VAL B 188 -4.26 30.97 -13.93
N LYS B 189 -4.99 30.30 -13.04
CA LYS B 189 -4.44 29.83 -11.74
C LYS B 189 -4.74 28.36 -11.56
N PHE B 190 -3.94 27.65 -10.76
CA PHE B 190 -4.20 26.22 -10.48
C PHE B 190 -5.06 26.10 -9.26
N LEU B 191 -6.13 25.32 -9.34
CA LEU B 191 -6.93 24.96 -8.18
C LEU B 191 -6.36 23.72 -7.50
N THR B 192 -5.96 22.73 -8.30
CA THR B 192 -5.31 21.55 -7.76
C THR B 192 -4.25 21.09 -8.74
N LEU B 193 -3.27 20.39 -8.17
CA LEU B 193 -2.19 19.78 -8.84
C LEU B 193 -2.28 18.32 -8.44
N PRO B 194 -2.24 17.38 -9.44
CA PRO B 194 -2.52 15.97 -9.20
C PRO B 194 -1.37 15.28 -8.52
N PRO B 195 -1.59 14.02 -8.10
CA PRO B 195 -0.48 13.29 -7.49
C PRO B 195 0.69 13.02 -8.46
N VAL B 196 0.40 12.65 -9.72
CA VAL B 196 1.45 12.51 -10.71
C VAL B 196 1.35 13.65 -11.77
N LEU B 197 2.38 14.47 -11.82
CA LEU B 197 2.33 15.67 -12.65
C LEU B 197 3.20 15.48 -13.88
N HIS B 198 2.57 15.50 -15.04
CA HIS B 198 3.26 15.40 -16.31
C HIS B 198 3.50 16.77 -16.94
N LEU B 199 4.78 17.17 -17.06
CA LEU B 199 5.13 18.45 -17.69
C LEU B 199 5.84 18.29 -19.05
N GLN B 200 5.23 18.79 -20.13
CA GLN B 200 5.93 18.86 -21.43
C GLN B 200 6.52 20.22 -21.58
N LEU B 201 7.76 20.24 -22.09
CA LEU B 201 8.48 21.47 -22.37
C LEU B 201 8.35 21.79 -23.85
N MET B 202 7.93 23.01 -24.16
CA MET B 202 7.64 23.42 -25.55
C MET B 202 8.93 23.73 -26.34
N ARG B 203 9.70 22.68 -26.60
CA ARG B 203 10.95 22.75 -27.35
C ARG B 203 10.73 22.70 -28.89
N PHE B 204 9.56 22.23 -29.34
CA PHE B 204 9.28 22.03 -30.75
C PHE B 204 8.23 23.05 -31.22
N MET B 205 8.69 24.07 -31.94
CA MET B 205 7.88 25.25 -32.25
C MET B 205 7.91 25.64 -33.72
N TYR B 206 6.74 26.02 -34.23
CA TYR B 206 6.58 26.53 -35.60
C TYR B 206 7.60 27.65 -35.87
N ASP B 207 8.14 27.65 -37.09
CA ASP B 207 9.03 28.70 -37.56
C ASP B 207 8.46 29.25 -38.87
N PRO B 208 7.99 30.52 -38.86
CA PRO B 208 7.50 31.20 -40.07
C PRO B 208 8.57 31.46 -41.12
N GLN B 209 9.76 31.92 -40.70
CA GLN B 209 10.85 32.25 -41.65
C GLN B 209 11.16 31.07 -42.58
N THR B 210 10.89 29.86 -42.11
CA THR B 210 11.03 28.62 -42.89
C THR B 210 9.76 27.74 -42.93
N ASP B 211 8.61 28.26 -42.48
CA ASP B 211 7.37 27.47 -42.38
C ASP B 211 7.60 25.98 -42.08
N GLN B 212 8.02 25.68 -40.85
CA GLN B 212 8.23 24.31 -40.39
C GLN B 212 8.63 24.31 -38.91
N ASN B 213 8.34 23.23 -38.20
CA ASN B 213 8.69 23.15 -36.78
C ASN B 213 10.19 22.94 -36.56
N ILE B 214 10.75 23.68 -35.60
CA ILE B 214 12.17 23.58 -35.26
C ILE B 214 12.34 23.29 -33.78
N LYS B 215 13.39 22.53 -33.48
CA LYS B 215 13.74 22.26 -32.11
C LYS B 215 14.57 23.39 -31.53
N ILE B 216 14.15 23.82 -30.35
CA ILE B 216 14.89 24.79 -29.53
C ILE B 216 15.68 24.01 -28.47
N ASN B 217 17.00 24.14 -28.52
CA ASN B 217 17.90 23.44 -27.60
C ASN B 217 18.43 24.31 -26.47
N ASP B 218 17.84 25.48 -26.23
CA ASP B 218 18.39 26.38 -25.19
C ASP B 218 18.34 25.77 -23.79
N ARG B 219 19.11 26.39 -22.90
CA ARG B 219 19.26 25.92 -21.54
C ARG B 219 17.99 26.17 -20.77
N PHE B 220 17.53 25.12 -20.10
CA PHE B 220 16.35 25.22 -19.29
C PHE B 220 16.49 24.33 -18.03
N GLU B 221 16.52 25.00 -16.88
CA GLU B 221 16.87 24.32 -15.64
C GLU B 221 15.63 23.82 -14.93
N PHE B 222 15.67 22.58 -14.48
CA PHE B 222 14.57 22.04 -13.68
C PHE B 222 15.14 21.39 -12.43
N PRO B 223 14.45 21.52 -11.30
CA PRO B 223 15.02 21.00 -10.05
C PRO B 223 14.55 19.58 -9.69
N GLU B 224 15.34 18.89 -8.88
CA GLU B 224 14.97 17.65 -8.25
C GLU B 224 13.69 17.81 -7.40
N GLN B 225 13.61 18.92 -6.67
CA GLN B 225 12.53 19.17 -5.72
C GLN B 225 11.86 20.45 -6.14
N LEU B 226 10.55 20.39 -6.34
CA LEU B 226 9.86 21.48 -6.97
C LEU B 226 8.68 21.94 -6.12
N PRO B 227 8.82 23.06 -5.43
CA PRO B 227 7.70 23.57 -4.59
C PRO B 227 6.75 24.41 -5.42
N LEU B 228 5.47 24.04 -5.50
CA LEU B 228 4.53 24.77 -6.37
C LEU B 228 3.40 25.48 -5.64
N ASP B 229 3.50 25.68 -4.33
CA ASP B 229 2.42 26.34 -3.60
C ASP B 229 2.10 27.75 -4.13
N GLU B 230 3.12 28.48 -4.53
CA GLU B 230 2.99 29.84 -5.08
C GLU B 230 2.04 29.96 -6.30
N PHE B 231 1.77 28.85 -6.99
CA PHE B 231 0.93 28.88 -8.20
C PHE B 231 -0.51 28.38 -8.02
N LEU B 232 -0.82 27.98 -6.77
CA LEU B 232 -2.16 27.54 -6.37
C LEU B 232 -2.99 28.73 -5.99
N GLN B 233 -4.28 28.74 -6.31
CA GLN B 233 -5.15 29.84 -5.92
C GLN B 233 -5.34 29.87 -4.40
N LYS B 234 -5.33 28.70 -3.77
CA LYS B 234 -5.44 28.52 -2.32
C LYS B 234 -4.55 27.35 -1.88
N THR B 235 -3.55 27.65 -1.05
CA THR B 235 -2.67 26.61 -0.51
C THR B 235 -3.38 25.80 0.52
N ASP B 236 -2.89 24.59 0.76
CA ASP B 236 -3.38 23.69 1.83
C ASP B 236 -2.28 23.40 2.85
N PRO B 237 -2.42 23.88 4.07
CA PRO B 237 -1.31 23.68 5.00
C PRO B 237 -1.10 22.21 5.38
N LYS B 238 -2.08 21.36 5.13
CA LYS B 238 -2.00 19.95 5.49
C LYS B 238 -1.36 19.16 4.38
N ASP B 239 -1.40 19.69 3.15
CA ASP B 239 -0.82 19.03 1.98
C ASP B 239 -0.12 20.11 1.11
N PRO B 240 1.14 20.39 1.43
CA PRO B 240 1.89 21.35 0.66
C PRO B 240 2.22 20.78 -0.72
N ALA B 241 2.27 21.65 -1.74
CA ALA B 241 2.45 21.20 -3.13
C ALA B 241 3.91 21.06 -3.47
N ASN B 242 4.56 20.16 -2.74
CA ASN B 242 5.97 19.85 -2.96
C ASN B 242 6.09 18.64 -3.85
N TYR B 243 6.77 18.82 -4.98
CA TYR B 243 6.93 17.78 -5.97
C TYR B 243 8.36 17.28 -6.03
N ILE B 244 8.46 15.99 -6.33
CA ILE B 244 9.68 15.24 -6.40
C ILE B 244 9.83 14.74 -7.82
N LEU B 245 11.03 14.91 -8.36
CA LEU B 245 11.29 14.54 -9.73
C LEU B 245 11.39 13.03 -9.85
N HIS B 246 10.55 12.44 -10.71
CA HIS B 246 10.53 10.99 -10.91
C HIS B 246 11.19 10.54 -12.23
N ALA B 247 11.01 11.32 -13.29
CA ALA B 247 11.44 10.91 -14.63
C ALA B 247 11.73 12.12 -15.48
N VAL B 248 12.68 11.96 -16.39
CA VAL B 248 13.16 13.01 -17.28
C VAL B 248 13.28 12.38 -18.67
N LEU B 249 12.34 12.71 -19.59
CA LEU B 249 12.34 12.18 -20.96
C LEU B 249 13.18 13.06 -21.88
N VAL B 250 14.13 12.45 -22.54
CA VAL B 250 15.24 13.18 -23.16
C VAL B 250 15.40 12.85 -24.63
N HIS B 251 15.89 13.83 -25.39
CA HIS B 251 16.04 13.67 -26.82
C HIS B 251 17.29 14.37 -27.28
N SER B 252 18.07 13.71 -28.14
CA SER B 252 19.21 14.30 -28.84
C SER B 252 18.93 14.54 -30.32
N GLY B 253 19.52 15.60 -30.86
CA GLY B 253 19.42 15.91 -32.29
C GLY B 253 18.34 16.93 -32.57
N ASP B 254 18.03 17.09 -33.85
CA ASP B 254 17.14 18.15 -34.33
C ASP B 254 15.80 17.65 -34.89
N ASN B 255 15.59 16.33 -34.95
CA ASN B 255 14.39 15.80 -35.61
C ASN B 255 13.86 14.47 -35.02
N HIS B 256 12.80 13.94 -35.63
CA HIS B 256 12.22 12.67 -35.20
C HIS B 256 13.14 11.45 -35.45
N GLY B 257 14.17 11.63 -36.29
CA GLY B 257 15.25 10.65 -36.40
C GLY B 257 16.26 10.63 -35.25
N GLY B 258 16.14 11.52 -34.27
CA GLY B 258 17.11 11.59 -33.18
C GLY B 258 17.03 10.46 -32.17
N HIS B 259 17.76 10.61 -31.07
CA HIS B 259 17.88 9.58 -30.06
C HIS B 259 17.04 9.92 -28.81
N TYR B 260 16.12 9.03 -28.49
CA TYR B 260 15.19 9.20 -27.37
C TYR B 260 15.51 8.29 -26.18
N VAL B 261 15.76 8.87 -25.00
CA VAL B 261 16.01 8.05 -23.79
C VAL B 261 15.27 8.64 -22.59
N VAL B 262 15.12 7.85 -21.53
CA VAL B 262 14.46 8.35 -20.32
C VAL B 262 15.25 7.93 -19.09
N TYR B 263 15.37 8.88 -18.17
CA TYR B 263 16.05 8.68 -16.89
C TYR B 263 14.97 8.58 -15.83
N LEU B 264 15.09 7.62 -14.90
CA LEU B 264 14.09 7.43 -13.85
C LEU B 264 14.81 7.16 -12.56
N ASN B 265 14.24 7.59 -11.44
CA ASN B 265 14.56 6.93 -10.16
C ASN B 265 13.29 6.23 -9.71
N PRO B 266 13.07 5.02 -10.23
CA PRO B 266 11.79 4.28 -10.09
C PRO B 266 11.12 4.24 -8.72
N LYS B 267 11.92 4.09 -7.68
CA LYS B 267 11.36 3.98 -6.31
C LYS B 267 11.31 5.32 -5.57
N GLY B 268 11.69 6.43 -6.24
CA GLY B 268 11.60 7.75 -5.65
C GLY B 268 12.74 8.15 -4.71
N ASP B 269 13.73 7.27 -4.54
CA ASP B 269 14.79 7.46 -3.54
C ASP B 269 16.04 8.17 -4.08
N GLY B 270 15.95 8.80 -5.25
CA GLY B 270 17.09 9.47 -5.88
C GLY B 270 18.20 8.57 -6.42
N LYS B 271 17.93 7.26 -6.55
CA LYS B 271 18.85 6.35 -7.20
C LYS B 271 18.42 6.30 -8.66
N TRP B 272 19.18 6.91 -9.55
CA TRP B 272 18.77 7.00 -10.97
C TRP B 272 19.28 5.91 -11.92
N CYS B 273 18.48 5.68 -12.95
CA CYS B 273 18.82 4.80 -14.08
C CYS B 273 18.49 5.49 -15.38
N LYS B 274 19.21 5.12 -16.44
CA LYS B 274 18.97 5.54 -17.82
C LYS B 274 18.43 4.34 -18.60
N PHE B 275 17.29 4.51 -19.24
CA PHE B 275 16.66 3.48 -20.10
C PHE B 275 16.82 3.95 -21.55
N ASP B 276 17.61 3.20 -22.29
CA ASP B 276 18.02 3.55 -23.65
C ASP B 276 17.63 2.31 -24.42
N ASP B 277 16.34 2.23 -24.73
CA ASP B 277 15.77 1.07 -25.35
C ASP B 277 16.17 -0.17 -24.57
N ASP B 278 16.99 -1.04 -25.11
CA ASP B 278 17.23 -2.33 -24.47
C ASP B 278 18.26 -2.30 -23.33
N VAL B 279 18.99 -1.20 -23.24
CA VAL B 279 20.10 -1.10 -22.33
C VAL B 279 19.66 -0.23 -21.19
N VAL B 280 19.59 -0.86 -20.01
CA VAL B 280 19.28 -0.17 -18.76
C VAL B 280 20.50 -0.20 -17.83
N SER B 281 20.97 0.98 -17.44
CA SER B 281 22.19 1.13 -16.64
C SER B 281 22.00 2.19 -15.55
N ARG B 282 22.69 2.01 -14.43
CA ARG B 282 22.70 2.99 -13.37
C ARG B 282 23.38 4.27 -13.89
N CYS B 283 22.95 5.43 -13.40
CA CYS B 283 23.58 6.72 -13.72
C CYS B 283 23.54 7.65 -12.54
N THR B 284 24.29 8.73 -12.65
CA THR B 284 24.35 9.74 -11.60
C THR B 284 23.18 10.68 -11.68
N LYS B 285 22.90 11.32 -10.55
CA LYS B 285 21.85 12.31 -10.45
C LYS B 285 22.17 13.45 -11.42
N GLU B 286 23.44 13.79 -11.53
CA GLU B 286 23.92 14.81 -12.46
C GLU B 286 23.60 14.47 -13.92
N GLU B 287 23.78 13.21 -14.30
CA GLU B 287 23.52 12.79 -15.65
C GLU B 287 22.05 12.86 -16.00
N ALA B 288 21.19 12.60 -15.01
CA ALA B 288 19.77 12.58 -15.26
C ALA B 288 19.26 14.00 -15.29
N ILE B 289 19.78 14.87 -14.42
CA ILE B 289 19.24 16.22 -14.23
C ILE B 289 20.01 17.31 -15.03
N GLU B 290 21.13 17.81 -14.47
CA GLU B 290 21.88 18.95 -15.01
C GLU B 290 22.27 18.76 -16.49
N HIS B 291 22.81 17.58 -16.82
CA HIS B 291 23.26 17.21 -18.18
C HIS B 291 22.22 17.44 -19.27
N ASN B 292 20.94 17.40 -18.88
CA ASN B 292 19.83 17.51 -19.83
C ASN B 292 19.16 18.88 -19.80
N TYR B 293 19.86 19.87 -19.25
CA TYR B 293 19.37 21.25 -19.30
C TYR B 293 19.53 21.79 -20.73
N GLY B 294 20.59 21.40 -21.42
CA GLY B 294 20.81 21.83 -22.79
C GLY B 294 21.66 23.08 -22.75
N GLY B 295 21.62 23.85 -23.84
CA GLY B 295 22.24 25.20 -23.89
C GLY B 295 22.43 25.77 -25.29
N HIS B 296 23.54 26.46 -25.51
CA HIS B 296 23.87 26.95 -26.85
C HIS B 296 24.14 25.78 -27.80
N SER B 301 28.21 24.20 -34.79
CA SER B 301 29.16 24.61 -33.76
C SER B 301 29.23 23.54 -32.64
N VAL B 302 29.32 23.94 -31.37
CA VAL B 302 29.36 22.95 -30.28
C VAL B 302 27.97 22.38 -30.02
N ARG B 303 27.91 21.07 -29.88
CA ARG B 303 26.66 20.32 -29.81
C ARG B 303 26.09 20.26 -28.40
N HIS B 304 25.10 21.10 -28.11
CA HIS B 304 24.30 21.01 -26.88
C HIS B 304 22.88 20.47 -27.21
N CYS B 305 22.78 19.51 -28.13
CA CYS B 305 21.46 19.12 -28.65
C CYS B 305 20.72 18.06 -27.82
N THR B 306 21.34 17.56 -26.76
CA THR B 306 20.71 16.62 -25.86
C THR B 306 19.97 17.32 -24.73
N ASN B 307 18.68 17.04 -24.56
CA ASN B 307 17.95 17.75 -23.51
C ASN B 307 16.59 17.19 -23.25
N ALA B 308 15.93 17.68 -22.20
CA ALA B 308 14.67 17.12 -21.78
C ALA B 308 13.53 17.80 -22.54
N TYR B 309 12.50 17.04 -22.91
CA TYR B 309 11.25 17.62 -23.40
C TYR B 309 9.99 17.27 -22.55
N MET B 310 10.15 16.43 -21.52
CA MET B 310 9.06 16.11 -20.66
C MET B 310 9.60 15.65 -19.31
N LEU B 311 8.92 16.06 -18.22
CA LEU B 311 9.35 15.74 -16.84
C LEU B 311 8.16 15.24 -16.09
N VAL B 312 8.38 14.21 -15.27
CA VAL B 312 7.32 13.70 -14.41
C VAL B 312 7.71 13.93 -12.95
N TYR B 313 6.83 14.61 -12.19
CA TYR B 313 6.98 14.84 -10.80
C TYR B 313 5.87 14.13 -10.04
N ILE B 314 6.19 13.63 -8.83
CA ILE B 314 5.17 13.05 -7.98
C ILE B 314 5.11 13.86 -6.70
N ARG B 315 3.90 14.18 -6.29
CA ARG B 315 3.70 14.93 -5.08
C ARG B 315 4.20 14.17 -3.84
N GLU B 316 4.91 14.88 -2.95
CA GLU B 316 5.62 14.26 -1.82
C GLU B 316 4.72 13.46 -0.91
N SER B 317 3.51 13.99 -0.68
CA SER B 317 2.54 13.33 0.20
C SER B 317 1.90 12.13 -0.44
N LYS B 318 2.13 11.91 -1.72
CA LYS B 318 1.53 10.78 -2.38
C LYS B 318 2.55 9.74 -2.81
N LEU B 319 3.82 10.07 -2.65
CA LEU B 319 4.92 9.22 -3.14
C LEU B 319 4.79 7.74 -2.71
N SER B 320 4.40 7.52 -1.47
CA SER B 320 4.31 6.15 -0.93
C SER B 320 3.22 5.36 -1.60
N GLU B 321 2.13 6.04 -1.90
CA GLU B 321 0.96 5.38 -2.49
C GLU B 321 1.21 5.16 -3.99
N VAL B 322 1.63 6.21 -4.67
CA VAL B 322 1.88 6.11 -6.10
C VAL B 322 2.92 5.07 -6.45
N LEU B 323 3.99 4.92 -5.63
CA LEU B 323 5.10 4.01 -5.88
C LEU B 323 5.09 2.81 -4.96
N GLN B 324 3.91 2.50 -4.40
CA GLN B 324 3.70 1.27 -3.63
C GLN B 324 4.24 0.09 -4.39
N ALA B 325 4.87 -0.81 -3.68
CA ALA B 325 5.40 -1.99 -4.30
C ALA B 325 4.26 -2.87 -4.92
N VAL B 326 4.63 -3.51 -6.02
CA VAL B 326 3.72 -4.32 -6.82
C VAL B 326 4.35 -5.69 -6.85
N THR B 327 3.63 -6.68 -6.37
CA THR B 327 4.15 -8.02 -6.39
C THR B 327 3.35 -8.82 -7.38
N ASP B 328 3.77 -10.05 -7.62
CA ASP B 328 3.10 -10.91 -8.58
C ASP B 328 1.76 -11.38 -8.06
N HIS B 329 1.56 -11.32 -6.75
CA HIS B 329 0.22 -11.57 -6.22
C HIS B 329 -0.79 -10.50 -6.73
N ASP B 330 -0.31 -9.32 -7.15
CA ASP B 330 -1.18 -8.25 -7.66
C ASP B 330 -1.61 -8.44 -9.11
N ILE B 331 -1.36 -9.63 -9.69
CA ILE B 331 -1.67 -9.91 -11.08
C ILE B 331 -2.65 -11.09 -11.09
N PRO B 332 -3.90 -10.86 -11.51
CA PRO B 332 -4.86 -11.97 -11.50
C PRO B 332 -4.32 -13.14 -12.31
N GLN B 333 -4.53 -14.36 -11.82
CA GLN B 333 -3.96 -15.58 -12.42
C GLN B 333 -4.52 -15.84 -13.82
N GLN B 334 -5.76 -15.40 -14.05
CA GLN B 334 -6.38 -15.46 -15.37
C GLN B 334 -5.51 -14.70 -16.36
N LEU B 335 -4.93 -13.60 -15.93
CA LEU B 335 -4.08 -12.86 -16.84
C LEU B 335 -2.73 -13.53 -17.06
N VAL B 336 -2.13 -14.05 -15.99
CA VAL B 336 -0.86 -14.76 -16.11
C VAL B 336 -0.99 -15.93 -17.08
N GLU B 337 -2.06 -16.70 -16.94
CA GLU B 337 -2.20 -17.89 -17.76
C GLU B 337 -2.30 -17.51 -19.24
N ARG B 338 -3.01 -16.43 -19.55
CA ARG B 338 -3.28 -16.08 -20.94
C ARG B 338 -2.01 -15.60 -21.66
N LEU B 339 -1.19 -14.82 -20.94
CA LEU B 339 0.12 -14.41 -21.46
C LEU B 339 1.08 -15.59 -21.56
N GLN B 340 1.06 -16.47 -20.57
CA GLN B 340 1.89 -17.68 -20.65
C GLN B 340 1.49 -18.60 -21.80
N GLU B 341 0.20 -18.63 -22.14
CA GLU B 341 -0.30 -19.42 -23.29
C GLU B 341 0.11 -18.79 -24.62
N GLU B 342 0.12 -17.46 -24.70
CA GLU B 342 0.64 -16.76 -25.87
C GLU B 342 2.10 -17.13 -26.10
N LYS B 343 2.88 -17.08 -25.02
CA LYS B 343 4.29 -17.49 -25.01
C LYS B 343 4.49 -18.99 -25.40
N ARG B 344 3.58 -19.85 -24.96
CA ARG B 344 3.66 -21.27 -25.29
C ARG B 344 3.52 -21.43 -26.81
N ILE B 345 2.51 -20.77 -27.39
CA ILE B 345 2.22 -20.90 -28.81
C ILE B 345 3.26 -20.26 -29.73
N GLU B 346 3.86 -19.15 -29.33
CA GLU B 346 4.95 -18.54 -30.13
C GLU B 346 6.17 -19.48 -30.17
N ALA B 347 6.51 -20.06 -29.02
CA ALA B 347 7.65 -20.98 -28.91
C ALA B 347 7.66 -22.20 -29.85
N GLN B 348 6.61 -22.40 -30.65
CA GLN B 348 6.73 -23.18 -31.90
C GLN B 348 6.71 -22.19 -33.07
N LYS B 349 7.82 -21.46 -33.21
CA LYS B 349 8.02 -20.50 -34.28
C LYS B 349 8.30 -21.23 -35.58
CAJ 8WK C . -3.74 -20.86 24.19
CAH 8WK C . -4.12 -21.65 23.10
CAZ 8WK C . -5.42 -21.58 22.58
FAD 8WK C . -5.81 -22.40 21.46
CAI 8WK C . -6.31 -20.67 23.16
CAK 8WK C . -5.87 -19.90 24.23
CBB 8WK C . -4.59 -19.98 24.76
NBJ 8WK C . -4.18 -19.18 25.79
NAW 8WK C . -3.60 -19.54 26.93
CAN 8WK C . -3.33 -18.45 27.66
CBD 8WK C . -3.72 -17.39 26.99
CBC 8WK C . -3.63 -16.08 27.32
OAB 8WK C . -3.12 -15.74 28.42
CBE 8WK C . -4.24 -17.83 25.83
NAV 8WK C . -4.70 -16.93 24.92
CAO 8WK C . -4.64 -15.57 25.23
NBH 8WK C . -4.11 -15.15 26.42
CAU 8WK C . -4.12 -13.71 26.68
CBK 8WK C . -5.51 -13.33 27.26
CAR 8WK C . -5.56 -11.86 27.45
CAP 8WK C . -6.99 -11.50 27.88
OAC 8WK C . -6.67 -13.65 26.37
CAS 8WK C . -5.71 -13.98 28.65
CAQ 8WK C . -7.00 -13.52 29.33
NBG 8WK C . -7.14 -12.03 29.27
CAY 8WK C . -7.42 -11.21 30.33
OAA 8WK C . -7.57 -9.99 30.23
CAT 8WK C . -7.58 -11.79 31.75
CBL 8WK C . -6.51 -11.19 32.65
CBF 8WK C . -6.41 -11.87 34.06
FAF 8WK C . -5.59 -11.15 34.89
FAG 8WK C . -7.69 -11.96 34.70
NBI 8WK C . -5.25 -11.33 32.00
NAX 8WK C . -4.70 -12.45 31.55
CBA 8WK C . -3.50 -12.06 31.07
FAE 8WK C . -2.70 -12.78 30.59
CAL 8WK C . -3.29 -10.76 31.22
CAM 8WK C . -4.40 -10.30 31.81
CAJ 8WK D . 1.71 23.36 -26.76
CAH 8WK D . 0.37 23.60 -26.48
CAZ 8WK D . -0.60 22.66 -26.87
FAD 8WK D . -2.02 22.96 -26.52
CAI 8WK D . -0.19 21.52 -27.59
CAK 8WK D . 1.19 21.28 -27.86
CBB 8WK D . 2.15 22.22 -27.45
NBJ 8WK D . 3.47 22.07 -27.67
NAW 8WK D . 4.32 22.98 -28.21
CAN 8WK D . 5.54 22.44 -28.23
CBD 8WK D . 5.51 21.22 -27.69
CBC 8WK D . 6.50 20.30 -27.44
OAB 8WK D . 7.71 20.50 -27.76
CBE 8WK D . 4.21 21.01 -27.32
NAV 8WK D . 3.81 19.88 -26.74
CAO 8WK D . 4.79 18.92 -26.49
NBH 8WK D . 6.12 19.12 -26.84
CAU 8WK D . 7.06 18.04 -26.59
CBK 8WK D . 6.96 17.01 -27.79
CAR 8WK D . 7.91 15.92 -27.55
CAP 8WK D . 7.70 14.88 -28.63
OAC 8WK D . 5.63 16.50 -27.88
CAS 8WK D . 7.26 17.69 -29.15
CAQ 8WK D . 7.26 16.66 -30.31
NBG 8WK D . 8.12 15.54 -29.93
CAY 8WK D . 9.19 15.06 -30.58
OAA 8WK D . 9.86 14.10 -30.16
CAT 8WK D . 9.68 15.80 -31.85
CBL 8WK D . 11.22 15.99 -31.70
CBF 8WK D . 11.78 16.89 -32.81
FAF 8WK D . 13.19 16.84 -32.83
FAG 8WK D . 11.22 16.54 -34.12
NBI 8WK D . 11.48 16.62 -30.38
NAX 8WK D . 10.84 17.74 -30.11
CBA 8WK D . 11.22 18.09 -28.87
FAE 8WK D . 10.75 19.26 -28.25
CAL 8WK D . 12.10 17.22 -28.38
CAM 8WK D . 12.24 16.29 -29.31
#